data_7CB8
#
_entry.id   7CB8
#
_cell.length_a   76.066
_cell.length_b   107.900
_cell.length_c   110.588
_cell.angle_alpha   90.00
_cell.angle_beta   90.00
_cell.angle_gamma   90.00
#
_symmetry.space_group_name_H-M   'P 21 21 21'
#
loop_
_entity.id
_entity.type
_entity.pdbx_description
1 polymer 'Fic-domain containing protein'
2 non-polymer "CYTIDINE-5'-DIPHOSPHATE"
3 non-polymer 1,2-ETHANEDIOL
4 non-polymer 'SULFATE ION'
5 non-polymer 'ACETATE ION'
6 water water
#
_entity_poly.entity_id   1
_entity_poly.type   'polypeptide(L)'
_entity_poly.pdbx_seq_one_letter_code
;MRPSDAWPRHSAERRPWAQTQRGGTRADRTLRSVTVSLPPYIAKVDANIDADIAVKLEDAMSEISRLDSTHGTHLAGLST
LLLRTESVASSKIERVEASVDDYARALHGGRGNSSAVSMVAATTALKEMIASVNRDAPIQMTAILRAHEALMREDPTEGQ
HAGQVRTVQNWIGGSDYSPRNALYVPPPPDTVHAYMDDLIEFANRTDIPVLIQAAIAHAQFESIHPFTDGNGRIGRALIN
TVLRRRGATTRLVVPLASALVAHRERYFGALNTYRAGDLRPLIVTFANSSRTAAAESRITAERLAEIPVEWRNMVGPIRR
HSATDKLLLLLPSTPIVSSDDVASLIDAPRSSVFAAIKRLHDTGVLRPLTNRKRDQVWGASLVLDELDDLGHRIERASAP
SVRKLEHHHHHH
;
_entity_poly.pdbx_strand_id   A,B
#
# COMPACT_ATOMS: atom_id res chain seq x y z
N ARG A 2 -2.85 -2.46 38.27
CA ARG A 2 -3.24 -1.85 36.99
C ARG A 2 -4.52 -2.51 36.51
N PRO A 3 -5.40 -1.74 35.87
CA PRO A 3 -6.73 -2.26 35.52
C PRO A 3 -6.75 -3.32 34.43
N SER A 4 -7.96 -3.62 33.98
CA SER A 4 -8.16 -4.53 32.86
C SER A 4 -7.68 -3.90 31.57
N ASP A 5 -6.92 -4.67 30.80
CA ASP A 5 -6.31 -4.25 29.54
C ASP A 5 -5.32 -3.10 29.73
N ALA A 6 -4.88 -2.83 30.95
CA ALA A 6 -3.83 -1.84 31.15
C ALA A 6 -2.48 -2.54 31.11
N TRP A 7 -1.45 -1.75 30.83
CA TRP A 7 -0.15 -2.31 30.58
C TRP A 7 0.81 -1.21 30.95
N PRO A 8 1.94 -1.53 31.59
CA PRO A 8 2.91 -0.48 31.92
C PRO A 8 3.26 0.37 30.72
N ARG A 9 3.05 1.68 30.80
CA ARG A 9 3.28 2.52 29.63
C ARG A 9 4.77 2.86 29.45
N HIS A 10 5.11 3.23 28.21
CA HIS A 10 6.44 3.73 27.88
C HIS A 10 6.72 5.06 28.59
N SER A 11 7.97 5.27 28.97
CA SER A 11 8.41 6.59 29.41
C SER A 11 9.39 7.16 28.39
N ALA A 12 9.75 8.43 28.59
CA ALA A 12 10.61 9.20 27.70
C ALA A 12 11.84 9.69 28.45
N GLU A 13 12.88 9.98 27.68
CA GLU A 13 14.11 10.55 28.21
C GLU A 13 14.77 11.37 27.11
N ARG A 14 15.45 12.45 27.49
CA ARG A 14 16.06 13.35 26.51
C ARG A 14 17.52 12.96 26.30
N ARG A 15 17.86 12.61 25.07
CA ARG A 15 19.22 12.21 24.73
C ARG A 15 19.84 13.21 23.77
N PRO A 16 21.17 13.40 23.83
CA PRO A 16 21.83 14.15 22.76
C PRO A 16 21.74 13.39 21.44
N TRP A 17 21.74 14.14 20.35
CA TRP A 17 21.69 13.59 19.01
C TRP A 17 22.47 14.48 18.07
N ALA A 18 23.17 13.88 17.12
CA ALA A 18 23.91 14.62 16.10
C ALA A 18 23.78 13.92 14.76
N GLN A 19 23.57 14.71 13.72
CA GLN A 19 23.53 14.19 12.36
C GLN A 19 24.90 13.62 11.99
N THR A 20 24.91 12.37 11.54
CA THR A 20 26.14 11.76 11.04
C THR A 20 26.35 12.02 9.55
N GLN A 21 25.28 12.25 8.81
CA GLN A 21 25.31 12.42 7.37
C GLN A 21 24.63 13.73 7.05
N ARG A 22 25.40 14.73 6.61
CA ARG A 22 24.86 16.08 6.55
C ARG A 22 23.94 16.24 5.35
N GLY A 23 22.80 16.85 5.59
CA GLY A 23 21.76 17.00 4.58
C GLY A 23 20.46 17.35 5.27
N GLY A 24 19.40 17.32 4.49
CA GLY A 24 18.18 17.81 5.06
C GLY A 24 18.15 19.33 5.04
N THR A 25 17.21 19.86 5.81
CA THR A 25 17.07 21.29 5.95
C THR A 25 18.03 21.78 7.03
N ARG A 26 17.99 23.07 7.33
CA ARG A 26 18.79 23.56 8.44
C ARG A 26 18.32 22.93 9.75
N ALA A 27 17.01 22.89 9.96
CA ALA A 27 16.44 22.34 11.21
C ALA A 27 16.96 20.92 11.49
N ASP A 28 17.20 20.15 10.45
CA ASP A 28 17.80 18.83 10.64
C ASP A 28 19.23 18.96 11.13
N ARG A 29 19.97 19.96 10.65
CA ARG A 29 21.40 20.07 10.92
C ARG A 29 21.68 20.74 12.27
N THR A 30 20.79 21.62 12.73
CA THR A 30 20.99 22.25 14.03
C THR A 30 20.41 21.43 15.18
N LEU A 31 19.62 20.41 14.88
CA LEU A 31 19.04 19.57 15.92
C LEU A 31 20.14 18.95 16.76
N ARG A 32 20.10 19.17 18.08
CA ARG A 32 21.11 18.66 18.99
C ARG A 32 20.55 17.67 20.01
N SER A 33 19.24 17.43 20.01
CA SER A 33 18.60 16.66 21.06
C SER A 33 17.40 15.90 20.48
N VAL A 34 17.11 14.73 21.05
CA VAL A 34 15.98 13.89 20.64
C VAL A 34 15.39 13.24 21.89
N THR A 35 14.06 13.03 21.87
CA THR A 35 13.35 12.38 22.97
C THR A 35 13.07 10.93 22.58
N VAL A 36 13.73 9.98 23.27
CA VAL A 36 13.55 8.56 23.01
C VAL A 36 12.47 8.01 23.95
N SER A 37 11.73 7.03 23.43
CA SER A 37 10.80 6.29 24.25
C SER A 37 11.52 5.13 24.91
N LEU A 38 11.17 4.87 26.17
CA LEU A 38 11.74 3.72 26.85
C LEU A 38 10.62 2.72 27.14
N PRO A 39 10.56 1.59 26.46
CA PRO A 39 9.54 0.59 26.74
C PRO A 39 9.71 0.00 28.13
N PRO A 40 8.66 -0.60 28.68
CA PRO A 40 8.80 -1.33 29.94
C PRO A 40 9.59 -2.62 29.77
N TYR A 41 10.00 -3.16 30.90
CA TYR A 41 10.47 -4.53 30.96
C TYR A 41 9.24 -5.36 31.26
N ILE A 42 8.94 -6.33 30.41
CA ILE A 42 7.67 -7.02 30.48
C ILE A 42 7.81 -8.46 30.92
N ALA A 43 9.04 -8.97 31.07
CA ALA A 43 9.25 -10.41 31.23
C ALA A 43 8.51 -10.98 32.42
N LYS A 44 8.23 -10.17 33.43
CA LYS A 44 7.58 -10.60 34.65
C LYS A 44 6.18 -10.03 34.79
N VAL A 45 5.71 -9.24 33.82
CA VAL A 45 4.41 -8.57 33.91
C VAL A 45 3.28 -9.54 33.58
N ASP A 46 2.14 -9.34 34.25
CA ASP A 46 0.90 -10.04 33.93
C ASP A 46 -0.09 -9.08 33.30
N ALA A 47 -1.05 -9.65 32.57
CA ALA A 47 -2.12 -8.86 31.98
C ALA A 47 -3.45 -9.58 32.20
N ASN A 48 -4.32 -8.98 33.00
CA ASN A 48 -5.73 -9.35 33.06
C ASN A 48 -6.43 -8.59 31.96
N ILE A 49 -7.39 -9.24 31.29
CA ILE A 49 -8.06 -8.61 30.17
C ILE A 49 -9.55 -8.97 30.18
N ASP A 50 -10.32 -8.12 29.50
CA ASP A 50 -11.78 -8.12 29.51
C ASP A 50 -12.38 -9.36 28.86
N ALA A 51 -13.62 -9.66 29.28
CA ALA A 51 -14.31 -10.88 28.87
C ALA A 51 -14.56 -10.89 27.36
N ASP A 52 -15.10 -9.80 26.83
CA ASP A 52 -15.44 -9.76 25.40
C ASP A 52 -14.21 -10.03 24.57
N ILE A 53 -13.03 -9.63 25.08
CA ILE A 53 -11.78 -9.87 24.38
C ILE A 53 -11.38 -11.34 24.51
N ALA A 54 -11.62 -11.93 25.68
CA ALA A 54 -11.30 -13.35 25.89
C ALA A 54 -12.05 -14.22 24.90
N VAL A 55 -13.34 -13.94 24.72
CA VAL A 55 -14.16 -14.64 23.74
C VAL A 55 -13.57 -14.49 22.34
N LYS A 56 -13.23 -13.25 21.96
CA LYS A 56 -12.62 -12.99 20.67
C LYS A 56 -11.33 -13.79 20.50
N LEU A 57 -10.43 -13.74 21.48
CA LEU A 57 -9.24 -14.60 21.44
C LEU A 57 -9.64 -16.06 21.32
N GLU A 58 -10.64 -16.47 22.09
CA GLU A 58 -11.11 -17.85 22.11
C GLU A 58 -11.62 -18.26 20.72
N ASP A 59 -12.35 -17.35 20.05
CA ASP A 59 -12.87 -17.68 18.73
C ASP A 59 -11.76 -17.76 17.71
N ALA A 60 -10.73 -16.92 17.84
CA ALA A 60 -9.57 -17.05 16.99
C ALA A 60 -8.89 -18.41 17.17
N MET A 61 -8.77 -18.84 18.43
CA MET A 61 -8.08 -20.09 18.74
C MET A 61 -8.87 -21.30 18.26
N SER A 62 -10.21 -21.23 18.34
CA SER A 62 -11.06 -22.25 17.74
C SER A 62 -10.71 -22.47 16.27
N GLU A 63 -10.63 -21.39 15.48
CA GLU A 63 -10.24 -21.53 14.07
C GLU A 63 -8.78 -21.95 13.94
N ILE A 64 -7.89 -21.40 14.76
CA ILE A 64 -6.47 -21.76 14.65
C ILE A 64 -6.28 -23.24 14.93
N SER A 65 -7.05 -23.78 15.87
CA SER A 65 -6.92 -25.19 16.23
C SER A 65 -7.45 -26.10 15.13
N ARG A 66 -8.61 -25.75 14.56
CA ARG A 66 -9.19 -26.57 13.50
C ARG A 66 -8.36 -26.52 12.23
N LEU A 67 -7.83 -25.34 11.89
CA LEU A 67 -6.88 -25.25 10.79
C LEU A 67 -5.69 -26.19 11.03
N ASP A 68 -5.07 -26.08 12.20
CA ASP A 68 -3.87 -26.86 12.45
C ASP A 68 -4.13 -28.35 12.50
N SER A 69 -5.38 -28.80 12.54
CA SER A 69 -5.66 -30.23 12.63
C SER A 69 -6.12 -30.81 11.30
N THR A 70 -5.88 -30.12 10.19
CA THR A 70 -6.30 -30.55 8.86
C THR A 70 -5.29 -31.51 8.26
N HIS A 71 -5.65 -32.78 8.14
CA HIS A 71 -4.74 -33.75 7.49
C HIS A 71 -5.42 -34.23 6.22
N LEU A 75 -2.14 -32.49 4.67
CA LEU A 75 -2.54 -32.11 3.32
C LEU A 75 -1.36 -31.60 2.49
N ALA A 76 -1.26 -32.08 1.25
CA ALA A 76 -0.16 -31.71 0.38
C ALA A 76 -0.41 -30.34 -0.24
N GLY A 77 0.59 -29.46 -0.16
CA GLY A 77 0.53 -28.11 -0.61
C GLY A 77 0.15 -27.10 0.46
N LEU A 78 -0.65 -27.52 1.44
CA LEU A 78 -1.25 -26.55 2.34
C LEU A 78 -0.21 -25.77 3.14
N SER A 79 0.76 -26.47 3.71
CA SER A 79 1.65 -25.77 4.62
C SER A 79 2.46 -24.73 3.88
N THR A 80 3.01 -25.10 2.72
CA THR A 80 3.84 -24.16 1.96
C THR A 80 3.03 -22.97 1.50
N LEU A 81 1.78 -23.20 1.08
CA LEU A 81 0.96 -22.10 0.60
C LEU A 81 0.71 -21.06 1.69
N LEU A 82 0.38 -21.52 2.90
CA LEU A 82 0.05 -20.63 4.00
C LEU A 82 1.27 -19.81 4.41
N LEU A 83 2.41 -20.48 4.52
CA LEU A 83 3.67 -19.81 4.80
C LEU A 83 3.94 -18.68 3.81
N ARG A 84 3.76 -18.96 2.51
CA ARG A 84 4.01 -17.94 1.49
C ARG A 84 2.96 -16.84 1.52
N THR A 85 1.69 -17.20 1.75
CA THR A 85 0.65 -16.18 1.88
C THR A 85 1.00 -15.18 2.95
N GLU A 86 1.49 -15.66 4.11
CA GLU A 86 1.86 -14.76 5.20
C GLU A 86 3.03 -13.87 4.81
N SER A 87 4.03 -14.44 4.15
CA SER A 87 5.24 -13.70 3.78
C SER A 87 4.93 -12.62 2.75
N VAL A 88 4.09 -12.95 1.78
CA VAL A 88 3.69 -12.01 0.74
C VAL A 88 2.91 -10.85 1.36
N ALA A 89 1.99 -11.17 2.28
CA ALA A 89 1.23 -10.12 2.96
C ALA A 89 2.12 -9.30 3.89
N SER A 90 3.00 -9.97 4.63
CA SER A 90 3.87 -9.24 5.55
C SER A 90 4.78 -8.27 4.79
N SER A 91 5.29 -8.69 3.63
CA SER A 91 6.08 -7.79 2.79
C SER A 91 5.24 -6.63 2.28
N LYS A 92 3.98 -6.91 1.87
CA LYS A 92 3.09 -5.87 1.36
C LYS A 92 2.85 -4.76 2.37
N ILE A 93 3.00 -5.07 3.65
CA ILE A 93 2.83 -4.06 4.71
C ILE A 93 3.95 -3.02 4.62
N GLU A 94 5.15 -3.44 4.23
CA GLU A 94 6.23 -2.51 3.95
C GLU A 94 6.34 -2.15 2.48
N ARG A 95 5.23 -2.23 1.73
CA ARG A 95 5.22 -1.84 0.31
C ARG A 95 6.32 -2.51 -0.49
N VAL A 96 6.71 -3.72 -0.10
CA VAL A 96 7.53 -4.59 -0.94
C VAL A 96 6.58 -5.53 -1.66
N GLU A 97 6.39 -5.31 -2.96
CA GLU A 97 5.30 -5.90 -3.73
C GLU A 97 5.78 -6.37 -5.10
N ALA A 98 5.08 -7.36 -5.63
CA ALA A 98 5.32 -7.92 -6.96
C ALA A 98 4.14 -8.80 -7.29
N SER A 99 4.03 -9.16 -8.57
CA SER A 99 2.91 -9.96 -9.03
C SER A 99 3.06 -11.40 -8.58
N VAL A 100 1.99 -12.19 -8.77
CA VAL A 100 2.08 -13.61 -8.45
C VAL A 100 3.23 -14.24 -9.23
N ASP A 101 3.28 -13.97 -10.53
CA ASP A 101 4.28 -14.64 -11.36
C ASP A 101 5.68 -14.13 -11.06
N ASP A 102 5.82 -12.83 -10.74
CA ASP A 102 7.11 -12.34 -10.27
C ASP A 102 7.60 -13.14 -9.07
N TYR A 103 6.72 -13.34 -8.09
CA TYR A 103 7.05 -14.09 -6.89
C TYR A 103 7.32 -15.57 -7.20
N ALA A 104 6.49 -16.17 -8.05
CA ALA A 104 6.72 -17.57 -8.42
C ALA A 104 8.08 -17.74 -9.07
N ARG A 105 8.45 -16.81 -9.96
CA ARG A 105 9.78 -16.86 -10.58
C ARG A 105 10.87 -16.73 -9.53
N ALA A 106 10.66 -15.88 -8.53
CA ALA A 106 11.70 -15.67 -7.52
C ALA A 106 11.85 -16.89 -6.63
N LEU A 107 10.73 -17.54 -6.29
CA LEU A 107 10.80 -18.76 -5.51
C LEU A 107 11.72 -19.79 -6.16
N HIS A 108 11.71 -19.86 -7.50
CA HIS A 108 12.51 -20.78 -8.30
C HIS A 108 13.92 -20.28 -8.55
N GLY A 109 14.32 -19.16 -7.94
CA GLY A 109 15.67 -18.66 -8.07
C GLY A 109 15.80 -17.44 -8.94
N GLY A 110 14.70 -16.95 -9.52
CA GLY A 110 14.77 -15.80 -10.40
C GLY A 110 15.09 -14.54 -9.64
N ARG A 111 15.94 -13.70 -10.24
CA ARG A 111 16.53 -12.58 -9.53
C ARG A 111 16.33 -11.22 -10.20
N GLY A 112 15.61 -11.15 -11.33
CA GLY A 112 15.46 -9.87 -12.02
C GLY A 112 14.59 -8.87 -11.29
N ASN A 113 13.72 -9.34 -10.40
CA ASN A 113 12.77 -8.51 -9.69
C ASN A 113 13.23 -8.46 -8.24
N SER A 114 13.81 -7.31 -7.83
CA SER A 114 14.41 -7.26 -6.50
C SER A 114 13.34 -7.29 -5.42
N SER A 115 12.16 -6.76 -5.71
CA SER A 115 11.06 -6.87 -4.77
C SER A 115 10.71 -8.33 -4.51
N ALA A 116 10.58 -9.12 -5.58
CA ALA A 116 10.21 -10.52 -5.40
C ALA A 116 11.32 -11.31 -4.71
N VAL A 117 12.59 -10.92 -4.91
CA VAL A 117 13.68 -11.53 -4.16
C VAL A 117 13.50 -11.27 -2.67
N SER A 118 13.12 -10.06 -2.33
CA SER A 118 12.91 -9.74 -0.93
C SER A 118 11.72 -10.52 -0.39
N MET A 119 10.66 -10.64 -1.20
CA MET A 119 9.51 -11.41 -0.76
C MET A 119 9.88 -12.87 -0.52
N VAL A 120 10.79 -13.41 -1.33
CA VAL A 120 11.23 -14.79 -1.09
C VAL A 120 12.11 -14.85 0.14
N ALA A 121 12.91 -13.79 0.38
CA ALA A 121 13.77 -13.73 1.56
C ALA A 121 12.95 -13.74 2.85
N ALA A 122 11.91 -12.92 2.91
CA ALA A 122 11.01 -12.89 4.07
C ALA A 122 10.34 -14.24 4.28
N THR A 123 10.12 -14.99 3.19
CA THR A 123 9.62 -16.37 3.27
C THR A 123 10.63 -17.27 3.95
N THR A 124 11.91 -17.17 3.56
CA THR A 124 12.95 -17.92 4.25
C THR A 124 13.04 -17.51 5.70
N ALA A 125 12.97 -16.20 5.97
CA ALA A 125 13.18 -15.72 7.34
C ALA A 125 12.11 -16.26 8.28
N LEU A 126 10.86 -16.35 7.83
CA LEU A 126 9.80 -16.94 8.64
C LEU A 126 9.97 -18.45 8.77
N LYS A 127 10.28 -19.13 7.66
CA LYS A 127 10.41 -20.59 7.64
C LYS A 127 11.51 -21.05 8.59
N GLU A 128 12.63 -20.30 8.63
CA GLU A 128 13.73 -20.66 9.51
C GLU A 128 13.46 -20.26 10.96
N MET A 129 12.72 -19.17 11.18
CA MET A 129 12.50 -18.76 12.56
C MET A 129 11.53 -19.71 13.27
N ILE A 130 10.53 -20.19 12.53
CA ILE A 130 9.58 -21.13 13.09
C ILE A 130 10.19 -22.51 13.24
N ALA A 131 11.11 -22.87 12.33
CA ALA A 131 11.76 -24.17 12.39
C ALA A 131 12.49 -24.38 13.71
N SER A 132 12.88 -23.30 14.35
CA SER A 132 13.75 -23.33 15.52
C SER A 132 13.05 -23.59 16.86
N VAL A 133 11.72 -23.79 16.91
CA VAL A 133 10.99 -23.72 18.17
C VAL A 133 10.06 -24.90 18.37
N ASN A 134 9.61 -25.02 19.64
CA ASN A 134 8.80 -26.09 20.29
C ASN A 134 9.12 -27.50 19.83
N ARG A 135 10.39 -27.76 19.57
CA ARG A 135 10.92 -29.13 19.43
C ARG A 135 11.50 -29.16 20.83
N ASP A 136 10.64 -28.62 21.71
CA ASP A 136 10.92 -28.26 23.09
C ASP A 136 12.03 -27.20 23.17
N ALA A 137 12.24 -26.49 22.05
CA ALA A 137 13.33 -25.54 21.89
C ALA A 137 12.81 -24.12 22.06
N PRO A 138 13.35 -23.34 23.00
CA PRO A 138 12.78 -22.02 23.25
C PRO A 138 13.10 -21.05 22.13
N ILE A 139 12.35 -19.96 22.11
CA ILE A 139 12.64 -18.84 21.23
C ILE A 139 13.98 -18.24 21.65
N GLN A 140 14.95 -18.29 20.74
CA GLN A 140 16.31 -17.85 21.03
C GLN A 140 16.65 -16.62 20.20
N MET A 141 17.47 -15.75 20.80
CA MET A 141 17.96 -14.57 20.09
C MET A 141 18.72 -14.94 18.83
N THR A 142 19.35 -16.11 18.79
CA THR A 142 20.06 -16.49 17.57
C THR A 142 19.11 -16.60 16.38
N ALA A 143 17.92 -17.17 16.60
CA ALA A 143 16.99 -17.36 15.50
C ALA A 143 16.51 -16.01 14.97
N ILE A 144 16.38 -15.01 15.83
CA ILE A 144 15.94 -13.71 15.37
C ILE A 144 17.01 -13.08 14.48
N LEU A 145 18.27 -13.13 14.92
CA LEU A 145 19.36 -12.56 14.11
C LEU A 145 19.51 -13.30 12.80
N ARG A 146 19.40 -14.62 12.82
CA ARG A 146 19.52 -15.38 11.58
C ARG A 146 18.37 -15.06 10.64
N ALA A 147 17.17 -14.81 11.18
CA ALA A 147 16.05 -14.45 10.32
C ALA A 147 16.28 -13.09 9.68
N HIS A 148 16.77 -12.12 10.47
CA HIS A 148 17.09 -10.82 9.90
C HIS A 148 18.20 -10.95 8.85
N GLU A 149 19.20 -11.78 9.12
CA GLU A 149 20.26 -12.02 8.12
C GLU A 149 19.65 -12.60 6.84
N ALA A 150 18.75 -13.58 6.97
CA ALA A 150 18.12 -14.20 5.81
C ALA A 150 17.32 -13.20 4.97
N LEU A 151 16.71 -12.23 5.64
CA LEU A 151 15.85 -11.28 4.96
C LEU A 151 16.66 -10.21 4.23
N MET A 152 17.69 -9.68 4.88
CA MET A 152 18.43 -8.49 4.43
C MET A 152 19.71 -8.81 3.68
N ARG A 153 20.04 -10.09 3.53
CA ARG A 153 21.29 -10.55 2.85
C ARG A 153 21.47 -9.86 1.51
N GLU A 154 20.57 -10.10 0.57
CA GLU A 154 20.68 -9.51 -0.78
C GLU A 154 20.07 -8.12 -0.82
N ASP A 155 19.96 -7.40 0.30
CA ASP A 155 19.34 -6.09 0.15
C ASP A 155 20.38 -5.04 -0.24
N PRO A 156 20.01 -4.11 -1.12
CA PRO A 156 20.93 -3.08 -1.59
C PRO A 156 21.06 -1.93 -0.60
N THR A 157 22.29 -1.69 -0.14
CA THR A 157 22.61 -0.55 0.71
C THR A 157 21.81 -0.53 2.01
N GLU A 158 20.93 -1.50 2.21
CA GLU A 158 20.25 -1.68 3.47
C GLU A 158 20.74 -2.90 4.22
N GLY A 159 21.26 -3.89 3.49
CA GLY A 159 21.76 -5.12 4.06
C GLY A 159 23.22 -5.07 4.40
N GLN A 160 23.72 -3.85 4.64
CA GLN A 160 25.12 -3.68 5.04
C GLN A 160 25.37 -4.27 6.42
N HIS A 161 24.37 -4.26 7.29
CA HIS A 161 24.47 -4.82 8.62
C HIS A 161 23.40 -5.88 8.87
N ALA A 162 23.11 -6.69 7.85
CA ALA A 162 22.18 -7.80 8.00
C ALA A 162 22.68 -8.80 9.03
N GLY A 163 21.82 -9.12 10.00
CA GLY A 163 22.14 -10.08 11.03
C GLY A 163 22.67 -9.49 12.32
N GLN A 164 22.77 -8.17 12.42
CA GLN A 164 23.24 -7.51 13.62
C GLN A 164 22.21 -6.50 14.08
N VAL A 165 22.03 -6.42 15.40
CA VAL A 165 21.26 -5.35 15.99
C VAL A 165 21.85 -3.98 15.60
N ARG A 166 21.00 -2.95 15.56
CA ARG A 166 21.47 -1.61 15.24
C ARG A 166 22.40 -1.13 16.34
N THR A 167 23.34 -0.25 15.97
CA THR A 167 24.20 0.46 16.92
C THR A 167 23.97 1.97 16.90
N VAL A 168 22.97 2.46 16.16
CA VAL A 168 22.69 3.89 16.05
C VAL A 168 21.26 4.16 16.48
N GLN A 169 20.93 5.43 16.61
CA GLN A 169 19.58 5.83 16.98
C GLN A 169 18.71 5.90 15.72
N ASN A 170 17.62 5.15 15.71
CA ASN A 170 16.63 5.19 14.64
C ASN A 170 15.39 5.90 15.16
N TRP A 171 14.44 6.11 14.25
CA TRP A 171 13.14 6.70 14.54
C TRP A 171 12.22 6.34 13.40
N ILE A 172 10.93 6.60 13.58
CA ILE A 172 9.91 6.23 12.61
C ILE A 172 9.15 7.48 12.21
N GLY A 173 9.15 7.78 10.90
CA GLY A 173 8.43 8.93 10.37
C GLY A 173 9.18 10.24 10.54
N GLY A 174 8.40 11.32 10.54
CA GLY A 174 8.96 12.65 10.67
C GLY A 174 9.89 13.02 9.54
N SER A 175 10.94 13.75 9.88
CA SER A 175 11.95 14.14 8.91
C SER A 175 12.72 12.92 8.43
N ASP A 176 13.19 12.98 7.18
CA ASP A 176 14.02 11.92 6.64
C ASP A 176 15.44 11.96 7.16
N TYR A 177 15.86 13.12 7.70
CA TYR A 177 17.27 13.39 7.95
C TYR A 177 17.57 13.60 9.43
N SER A 178 16.55 13.58 10.25
CA SER A 178 16.71 13.71 11.71
C SER A 178 15.43 13.24 12.37
N PRO A 179 15.43 12.94 13.67
CA PRO A 179 14.26 12.54 14.40
C PRO A 179 13.23 13.62 14.71
N ARG A 180 13.40 14.82 14.19
CA ARG A 180 12.45 15.94 14.22
C ARG A 180 11.11 15.41 13.70
N ASN A 181 10.07 15.71 14.45
CA ASN A 181 8.68 15.33 14.09
C ASN A 181 8.51 13.84 13.92
N ALA A 182 9.39 12.98 14.45
CA ALA A 182 9.11 11.55 14.36
C ALA A 182 7.80 11.22 15.07
N LEU A 183 7.07 10.24 14.53
CA LEU A 183 5.91 9.77 15.29
C LEU A 183 6.33 8.81 16.42
N TYR A 184 7.37 7.99 16.23
CA TYR A 184 7.89 7.18 17.32
C TYR A 184 9.42 7.18 17.26
N VAL A 185 10.05 7.29 18.43
CA VAL A 185 11.50 7.14 18.56
C VAL A 185 11.80 5.93 19.45
N PRO A 186 12.38 4.86 18.90
CA PRO A 186 12.73 3.68 19.70
C PRO A 186 13.81 4.01 20.72
N PRO A 187 14.08 3.12 21.67
CA PRO A 187 15.08 3.40 22.73
C PRO A 187 16.49 3.49 22.14
N PRO A 188 17.44 4.03 22.91
CA PRO A 188 18.80 4.20 22.38
C PRO A 188 19.42 2.84 22.15
N PRO A 189 20.40 2.74 21.24
CA PRO A 189 20.95 1.42 20.89
C PRO A 189 21.63 0.71 22.06
N ASP A 190 22.21 1.44 23.03
CA ASP A 190 22.89 0.78 24.13
C ASP A 190 21.95 0.03 25.05
N THR A 191 20.62 0.14 24.85
CA THR A 191 19.64 -0.57 25.66
C THR A 191 18.99 -1.75 24.95
N VAL A 192 19.36 -2.01 23.70
CA VAL A 192 18.61 -2.99 22.91
C VAL A 192 18.84 -4.40 23.42
N HIS A 193 20.08 -4.70 23.82
CA HIS A 193 20.43 -6.02 24.32
C HIS A 193 19.68 -6.34 25.61
N ALA A 194 19.62 -5.37 26.53
CA ALA A 194 18.86 -5.55 27.75
C ALA A 194 17.38 -5.78 27.46
N TYR A 195 16.86 -5.10 26.43
CA TYR A 195 15.44 -5.18 26.07
C TYR A 195 15.09 -6.49 25.38
N MET A 196 15.96 -6.95 24.48
CA MET A 196 15.67 -8.19 23.75
C MET A 196 15.70 -9.39 24.68
N ASP A 197 16.65 -9.42 25.62
CA ASP A 197 16.67 -10.45 26.65
C ASP A 197 15.35 -10.47 27.41
N ASP A 198 14.88 -9.30 27.83
CA ASP A 198 13.61 -9.24 28.53
C ASP A 198 12.48 -9.80 27.67
N LEU A 199 12.45 -9.41 26.38
CA LEU A 199 11.46 -9.90 25.43
C LEU A 199 11.56 -11.42 25.24
N ILE A 200 12.78 -11.90 25.05
CA ILE A 200 12.96 -13.33 24.79
C ILE A 200 12.50 -14.15 25.99
N GLU A 201 12.73 -13.65 27.21
CA GLU A 201 12.16 -14.31 28.38
C GLU A 201 10.64 -14.27 28.34
N PHE A 202 10.09 -13.09 28.04
CA PHE A 202 8.64 -12.94 27.96
C PHE A 202 8.05 -13.85 26.89
N ALA A 203 8.71 -13.94 25.74
CA ALA A 203 8.19 -14.76 24.64
C ALA A 203 8.30 -16.24 24.91
N ASN A 204 8.99 -16.64 25.98
CA ASN A 204 9.12 -18.05 26.31
C ASN A 204 8.24 -18.47 27.49
N ARG A 205 7.53 -17.53 28.11
CA ARG A 205 6.61 -17.89 29.17
C ARG A 205 5.55 -18.89 28.68
N THR A 206 4.92 -19.57 29.65
CA THR A 206 3.82 -20.48 29.36
C THR A 206 2.60 -20.17 30.19
N ASP A 207 2.58 -19.05 30.91
CA ASP A 207 1.50 -18.73 31.84
C ASP A 207 0.56 -17.67 31.29
N ILE A 208 0.66 -17.35 30.01
CA ILE A 208 -0.23 -16.40 29.34
C ILE A 208 -0.97 -17.11 28.21
N PRO A 209 -2.25 -16.77 27.98
CA PRO A 209 -2.91 -17.14 26.71
C PRO A 209 -2.04 -16.90 25.49
N VAL A 210 -2.01 -17.85 24.56
CA VAL A 210 -1.00 -17.79 23.51
C VAL A 210 -1.13 -16.53 22.65
N LEU A 211 -2.35 -16.14 22.27
CA LEU A 211 -2.51 -14.99 21.38
C LEU A 211 -2.08 -13.72 22.05
N ILE A 212 -2.37 -13.56 23.35
CA ILE A 212 -1.93 -12.37 24.09
C ILE A 212 -0.40 -12.29 24.09
N GLN A 213 0.26 -13.41 24.36
CA GLN A 213 1.71 -13.46 24.33
C GLN A 213 2.25 -13.07 22.97
N ALA A 214 1.75 -13.69 21.91
CA ALA A 214 2.16 -13.34 20.56
C ALA A 214 1.95 -11.85 20.30
N ALA A 215 0.78 -11.33 20.66
CA ALA A 215 0.43 -9.95 20.34
C ALA A 215 1.31 -8.97 21.10
N ILE A 216 1.56 -9.22 22.39
CA ILE A 216 2.42 -8.30 23.14
C ILE A 216 3.88 -8.51 22.75
N ALA A 217 4.28 -9.74 22.43
CA ALA A 217 5.66 -9.97 21.99
C ALA A 217 5.95 -9.20 20.72
N HIS A 218 4.96 -9.12 19.82
CA HIS A 218 5.16 -8.37 18.59
C HIS A 218 5.25 -6.88 18.87
N ALA A 219 4.26 -6.34 19.59
CA ALA A 219 4.25 -4.92 19.90
C ALA A 219 5.54 -4.50 20.60
N GLN A 220 5.98 -5.27 21.60
CA GLN A 220 7.22 -4.96 22.30
C GLN A 220 8.41 -5.02 21.37
N PHE A 221 8.45 -6.02 20.48
CA PHE A 221 9.53 -6.08 19.50
C PHE A 221 9.54 -4.81 18.67
N GLU A 222 8.38 -4.38 18.19
CA GLU A 222 8.31 -3.18 17.37
C GLU A 222 8.68 -1.95 18.17
N SER A 223 8.38 -1.96 19.48
CA SER A 223 8.77 -0.84 20.34
C SER A 223 10.27 -0.76 20.52
N ILE A 224 10.94 -1.90 20.72
CA ILE A 224 12.40 -1.91 20.79
C ILE A 224 12.98 -1.53 19.44
N HIS A 225 12.37 -2.03 18.37
CA HIS A 225 12.79 -1.75 17.01
C HIS A 225 14.29 -2.03 16.88
N PRO A 226 14.72 -3.27 17.15
CA PRO A 226 16.15 -3.54 17.32
C PRO A 226 16.97 -3.39 16.06
N PHE A 227 16.38 -3.50 14.89
CA PHE A 227 17.13 -3.45 13.66
C PHE A 227 17.00 -2.09 13.00
N THR A 228 18.05 -1.70 12.29
CA THR A 228 17.97 -0.54 11.41
C THR A 228 16.81 -0.70 10.41
N ASP A 229 16.65 -1.89 9.84
CA ASP A 229 15.61 -2.17 8.86
C ASP A 229 15.02 -3.54 9.12
N GLY A 230 13.78 -3.71 8.68
CA GLY A 230 13.17 -5.02 8.69
C GLY A 230 12.36 -5.36 9.92
N ASN A 231 12.09 -4.41 10.80
CA ASN A 231 11.50 -4.78 12.07
C ASN A 231 10.06 -5.24 11.92
N GLY A 232 9.35 -4.73 10.91
CA GLY A 232 8.03 -5.23 10.61
C GLY A 232 8.05 -6.70 10.23
N ARG A 233 8.94 -7.08 9.32
CA ARG A 233 8.85 -8.42 8.74
C ARG A 233 9.37 -9.48 9.71
N ILE A 234 10.45 -9.17 10.43
CA ILE A 234 10.96 -10.08 11.47
C ILE A 234 10.05 -10.04 12.69
N GLY A 235 9.56 -8.85 13.06
CA GLY A 235 8.66 -8.76 14.19
C GLY A 235 7.35 -9.50 13.97
N ARG A 236 6.84 -9.48 12.73
CA ARG A 236 5.63 -10.26 12.47
C ARG A 236 5.95 -11.74 12.39
N ALA A 237 7.13 -12.09 11.89
CA ALA A 237 7.53 -13.49 11.89
C ALA A 237 7.51 -14.05 13.31
N LEU A 238 7.90 -13.23 14.29
CA LEU A 238 7.90 -13.69 15.67
C LEU A 238 6.49 -14.11 16.13
N ILE A 239 5.45 -13.56 15.52
CA ILE A 239 4.08 -13.93 15.93
C ILE A 239 3.89 -15.41 15.76
N ASN A 240 4.11 -15.91 14.55
CA ASN A 240 3.88 -17.32 14.28
C ASN A 240 4.93 -18.21 14.94
N THR A 241 6.08 -17.66 15.32
CA THR A 241 7.03 -18.43 16.10
C THR A 241 6.48 -18.72 17.48
N VAL A 242 5.85 -17.72 18.10
CA VAL A 242 5.24 -17.93 19.40
C VAL A 242 4.08 -18.92 19.28
N LEU A 243 3.26 -18.79 18.24
CA LEU A 243 2.20 -19.76 17.99
C LEU A 243 2.75 -21.18 17.97
N ARG A 244 3.83 -21.38 17.22
CA ARG A 244 4.42 -22.70 17.07
C ARG A 244 5.11 -23.12 18.35
N ARG A 245 5.76 -22.17 19.04
CA ARG A 245 6.47 -22.53 20.26
C ARG A 245 5.50 -23.03 21.33
N ARG A 246 4.29 -22.49 21.38
CA ARG A 246 3.30 -22.90 22.36
C ARG A 246 2.46 -24.09 21.90
N GLY A 247 2.76 -24.69 20.75
CA GLY A 247 1.90 -25.73 20.22
C GLY A 247 0.55 -25.24 19.76
N ALA A 248 0.33 -23.92 19.77
CA ALA A 248 -0.94 -23.39 19.26
C ALA A 248 -1.14 -23.74 17.79
N THR A 249 -0.04 -23.77 17.03
CA THR A 249 0.06 -24.46 15.76
C THR A 249 1.17 -25.48 15.87
N THR A 250 1.15 -26.45 14.98
CA THR A 250 2.23 -27.43 14.92
C THR A 250 2.74 -27.66 13.51
N ARG A 251 1.85 -27.70 12.52
CA ARG A 251 2.26 -28.02 11.17
C ARG A 251 2.09 -26.88 10.15
N LEU A 252 1.39 -25.81 10.50
CA LEU A 252 1.16 -24.75 9.54
C LEU A 252 1.20 -23.37 10.21
N VAL A 253 1.32 -22.37 9.40
CA VAL A 253 1.36 -20.95 9.79
C VAL A 253 -0.05 -20.36 9.69
N VAL A 254 -0.36 -19.40 10.55
CA VAL A 254 -1.59 -18.62 10.44
C VAL A 254 -1.28 -17.30 9.75
N PRO A 255 -1.87 -17.03 8.58
CA PRO A 255 -1.46 -15.89 7.73
C PRO A 255 -2.12 -14.56 8.11
N LEU A 256 -1.93 -14.14 9.37
CA LEU A 256 -2.68 -12.99 9.86
C LEU A 256 -2.22 -11.67 9.23
N ALA A 257 -1.02 -11.64 8.63
CA ALA A 257 -0.55 -10.42 7.99
C ALA A 257 -1.47 -10.00 6.84
N SER A 258 -2.19 -10.95 6.23
CA SER A 258 -3.18 -10.62 5.22
C SER A 258 -4.36 -9.87 5.83
N ALA A 259 -4.69 -10.14 7.09
CA ALA A 259 -5.69 -9.29 7.73
C ALA A 259 -5.08 -7.96 8.16
N LEU A 260 -3.86 -7.99 8.70
CA LEU A 260 -3.21 -6.75 9.11
C LEU A 260 -3.03 -5.82 7.91
N VAL A 261 -2.54 -6.38 6.79
CA VAL A 261 -2.29 -5.55 5.61
C VAL A 261 -3.57 -4.85 5.13
N ALA A 262 -4.74 -5.45 5.37
CA ALA A 262 -6.00 -4.86 4.90
C ALA A 262 -6.42 -3.65 5.71
N HIS A 263 -5.94 -3.49 6.93
CA HIS A 263 -6.30 -2.34 7.75
C HIS A 263 -5.00 -1.87 8.41
N ARG A 264 -4.11 -1.36 7.58
CA ARG A 264 -2.74 -1.08 8.00
C ARG A 264 -2.68 0.00 9.07
N GLU A 265 -3.42 1.10 8.89
CA GLU A 265 -3.30 2.18 9.86
C GLU A 265 -3.88 1.78 11.20
N ARG A 266 -4.90 0.92 11.20
CA ARG A 266 -5.41 0.43 12.46
C ARG A 266 -4.39 -0.44 13.16
N TYR A 267 -3.62 -1.23 12.39
CA TYR A 267 -2.55 -2.06 12.96
C TYR A 267 -1.45 -1.21 13.57
N PHE A 268 -0.89 -0.29 12.78
CA PHE A 268 0.08 0.65 13.31
C PHE A 268 -0.51 1.38 14.51
N GLY A 269 -1.81 1.66 14.45
CA GLY A 269 -2.47 2.33 15.56
C GLY A 269 -2.39 1.52 16.83
N ALA A 270 -2.60 0.20 16.73
CA ALA A 270 -2.55 -0.61 17.93
C ALA A 270 -1.16 -0.57 18.56
N LEU A 271 -0.12 -0.33 17.77
CA LEU A 271 1.22 -0.16 18.33
C LEU A 271 1.35 1.16 19.10
N ASN A 272 0.78 2.24 18.57
CA ASN A 272 0.82 3.49 19.34
C ASN A 272 0.11 3.32 20.67
N THR A 273 -1.07 2.70 20.63
CA THR A 273 -1.91 2.52 21.81
C THR A 273 -1.24 1.60 22.84
N TYR A 274 -0.59 0.52 22.39
CA TYR A 274 0.23 -0.32 23.27
C TYR A 274 1.22 0.50 24.07
N ARG A 275 1.95 1.40 23.37
CA ARG A 275 2.98 2.22 24.00
C ARG A 275 2.41 3.15 25.06
N ALA A 276 1.16 3.60 24.89
CA ALA A 276 0.46 4.39 25.90
C ALA A 276 -0.17 3.51 26.99
N GLY A 277 -0.02 2.19 26.91
CA GLY A 277 -0.46 1.30 27.97
C GLY A 277 -1.87 0.77 27.86
N ASP A 278 -2.47 0.78 26.67
CA ASP A 278 -3.79 0.21 26.43
C ASP A 278 -3.59 -1.02 25.56
N LEU A 279 -4.01 -2.19 26.09
CA LEU A 279 -3.89 -3.46 25.38
C LEU A 279 -5.07 -3.77 24.49
N ARG A 280 -6.20 -3.06 24.64
CA ARG A 280 -7.44 -3.49 24.01
C ARG A 280 -7.36 -3.49 22.49
N PRO A 281 -6.88 -2.44 21.82
CA PRO A 281 -6.80 -2.50 20.36
C PRO A 281 -5.79 -3.50 19.85
N LEU A 282 -4.63 -3.60 20.50
CA LEU A 282 -3.66 -4.59 20.05
C LEU A 282 -4.25 -5.98 20.09
N ILE A 283 -4.88 -6.35 21.21
CA ILE A 283 -5.36 -7.71 21.36
C ILE A 283 -6.61 -7.94 20.50
N VAL A 284 -7.48 -6.93 20.37
CA VAL A 284 -8.63 -7.10 19.48
C VAL A 284 -8.18 -7.26 18.04
N THR A 285 -7.21 -6.46 17.62
CA THR A 285 -6.67 -6.60 16.28
C THR A 285 -6.10 -8.00 16.08
N PHE A 286 -5.33 -8.49 17.06
CA PHE A 286 -4.72 -9.80 16.93
C PHE A 286 -5.77 -10.92 16.92
N ALA A 287 -6.80 -10.81 17.76
CA ALA A 287 -7.82 -11.85 17.81
C ALA A 287 -8.64 -11.89 16.53
N ASN A 288 -9.07 -10.73 16.04
CA ASN A 288 -9.84 -10.68 14.81
C ASN A 288 -8.99 -11.08 13.61
N SER A 289 -7.73 -10.64 13.58
CA SER A 289 -6.88 -10.98 12.45
C SER A 289 -6.65 -12.48 12.38
N SER A 290 -6.30 -13.10 13.51
CA SER A 290 -6.05 -14.53 13.53
C SER A 290 -7.30 -15.30 13.19
N ARG A 291 -8.47 -14.84 13.67
CA ARG A 291 -9.69 -15.60 13.43
C ARG A 291 -9.98 -15.65 11.94
N THR A 292 -9.88 -14.48 11.28
CA THR A 292 -10.17 -14.40 9.86
C THR A 292 -9.13 -15.15 9.05
N ALA A 293 -7.87 -15.04 9.42
CA ALA A 293 -6.84 -15.72 8.67
C ALA A 293 -7.02 -17.23 8.74
N ALA A 294 -7.34 -17.77 9.93
CA ALA A 294 -7.47 -19.22 10.05
C ALA A 294 -8.75 -19.74 9.39
N ALA A 295 -9.88 -19.05 9.57
CA ALA A 295 -11.11 -19.46 8.92
C ALA A 295 -10.95 -19.56 7.40
N GLU A 296 -10.41 -18.51 6.78
CA GLU A 296 -10.26 -18.57 5.32
C GLU A 296 -9.19 -19.56 4.91
N SER A 297 -8.14 -19.73 5.70
CA SER A 297 -7.17 -20.76 5.38
C SER A 297 -7.78 -22.14 5.39
N ARG A 298 -8.78 -22.37 6.26
CA ARG A 298 -9.47 -23.66 6.25
C ARG A 298 -10.21 -23.90 4.93
N ILE A 299 -10.90 -22.88 4.43
CA ILE A 299 -11.55 -22.98 3.12
C ILE A 299 -10.52 -23.24 2.03
N THR A 300 -9.38 -22.56 2.11
CA THR A 300 -8.29 -22.82 1.18
C THR A 300 -7.83 -24.28 1.25
N ALA A 301 -7.87 -24.88 2.43
CA ALA A 301 -7.49 -26.28 2.54
C ALA A 301 -8.48 -27.17 1.78
N GLU A 302 -9.77 -26.88 1.88
CA GLU A 302 -10.75 -27.64 1.10
C GLU A 302 -10.47 -27.45 -0.39
N ARG A 303 -10.30 -26.21 -0.82
CA ARG A 303 -10.16 -25.92 -2.24
C ARG A 303 -8.89 -26.54 -2.82
N LEU A 304 -7.79 -26.50 -2.06
CA LEU A 304 -6.58 -27.19 -2.49
C LEU A 304 -6.86 -28.66 -2.75
N ALA A 305 -7.70 -29.28 -1.91
CA ALA A 305 -8.02 -30.69 -2.05
C ALA A 305 -8.91 -30.96 -3.25
N GLU A 306 -9.81 -30.04 -3.59
CA GLU A 306 -10.65 -30.17 -4.77
C GLU A 306 -9.89 -30.02 -6.08
N ILE A 307 -8.65 -29.52 -6.03
CA ILE A 307 -7.93 -29.09 -7.23
C ILE A 307 -7.51 -30.31 -8.06
N PRO A 308 -6.90 -31.35 -7.47
CA PRO A 308 -6.56 -32.53 -8.30
C PRO A 308 -7.76 -33.09 -9.06
N VAL A 309 -8.92 -33.18 -8.40
CA VAL A 309 -10.14 -33.60 -9.06
C VAL A 309 -10.44 -32.65 -10.23
N GLU A 310 -10.31 -31.34 -10.00
CA GLU A 310 -10.47 -30.38 -11.08
C GLU A 310 -9.46 -30.65 -12.20
N TRP A 311 -8.21 -30.96 -11.84
CA TRP A 311 -7.16 -31.14 -12.84
C TRP A 311 -7.50 -32.26 -13.81
N ARG A 312 -8.01 -33.38 -13.31
CA ARG A 312 -8.14 -34.54 -14.16
C ARG A 312 -9.46 -34.57 -14.93
N ASN A 313 -10.49 -33.84 -14.47
CA ASN A 313 -11.60 -33.53 -15.38
C ASN A 313 -11.07 -32.83 -16.62
N MET A 314 -10.11 -31.93 -16.43
CA MET A 314 -9.56 -31.15 -17.53
C MET A 314 -8.70 -32.02 -18.44
N VAL A 315 -7.81 -32.84 -17.84
CA VAL A 315 -6.81 -33.56 -18.62
C VAL A 315 -7.38 -34.80 -19.32
N GLY A 316 -8.57 -35.26 -18.93
CA GLY A 316 -9.15 -36.46 -19.48
C GLY A 316 -8.60 -37.74 -18.87
N PRO A 317 -8.70 -38.85 -19.59
CA PRO A 317 -8.19 -40.13 -19.07
C PRO A 317 -6.68 -40.06 -18.93
N ILE A 318 -6.18 -40.60 -17.82
CA ILE A 318 -4.76 -40.66 -17.50
C ILE A 318 -4.46 -42.06 -17.00
N ARG A 319 -3.41 -42.68 -17.54
CA ARG A 319 -3.15 -44.07 -17.15
C ARG A 319 -2.51 -44.08 -15.78
N ARG A 320 -2.96 -45.03 -14.94
CA ARG A 320 -2.73 -45.06 -13.50
C ARG A 320 -1.27 -44.93 -13.11
N HIS A 321 -0.32 -45.14 -14.05
CA HIS A 321 1.06 -45.00 -13.62
C HIS A 321 1.94 -44.29 -14.65
N SER A 322 1.36 -43.58 -15.62
CA SER A 322 2.16 -42.82 -16.57
C SER A 322 2.87 -41.63 -15.92
N ALA A 323 3.72 -41.00 -16.72
CA ALA A 323 4.35 -39.74 -16.32
C ALA A 323 3.28 -38.72 -15.94
N THR A 324 2.28 -38.53 -16.81
CA THR A 324 1.17 -37.59 -16.54
C THR A 324 0.54 -37.81 -15.17
N ASP A 325 0.43 -39.07 -14.74
CA ASP A 325 -0.06 -39.34 -13.40
C ASP A 325 1.04 -39.02 -12.37
N LYS A 326 2.27 -39.46 -12.65
CA LYS A 326 3.37 -39.13 -11.75
C LYS A 326 3.48 -37.62 -11.56
N LEU A 327 3.44 -36.85 -12.66
CA LEU A 327 3.55 -35.41 -12.58
C LEU A 327 2.36 -34.80 -11.85
N LEU A 328 1.15 -35.08 -12.33
CA LEU A 328 -0.06 -34.57 -11.69
C LEU A 328 -0.08 -34.85 -10.20
N LEU A 329 0.54 -35.97 -9.80
CA LEU A 329 0.65 -36.29 -8.39
C LEU A 329 1.51 -35.27 -7.63
N LEU A 330 2.67 -34.87 -8.17
CA LEU A 330 3.60 -34.09 -7.36
C LEU A 330 3.28 -32.60 -7.33
N LEU A 331 2.64 -32.08 -8.37
CA LEU A 331 2.41 -30.63 -8.45
C LEU A 331 1.86 -30.00 -7.18
N PRO A 332 0.93 -30.61 -6.41
CA PRO A 332 0.42 -29.92 -5.22
C PRO A 332 1.49 -29.51 -4.21
N SER A 333 2.45 -30.40 -3.90
CA SER A 333 3.55 -29.98 -3.04
C SER A 333 4.47 -29.02 -3.78
N THR A 334 4.70 -29.28 -5.07
CA THR A 334 5.70 -28.61 -5.90
C THR A 334 5.04 -27.98 -7.13
N PRO A 335 4.37 -26.85 -6.96
CA PRO A 335 3.66 -26.22 -8.09
C PRO A 335 4.56 -25.40 -8.99
N ILE A 336 5.84 -25.26 -8.68
CA ILE A 336 6.75 -24.44 -9.47
C ILE A 336 7.91 -25.35 -9.84
N VAL A 337 7.94 -25.81 -11.09
CA VAL A 337 8.86 -26.85 -11.55
C VAL A 337 9.38 -26.47 -12.93
N SER A 338 10.66 -26.71 -13.15
CA SER A 338 11.22 -26.60 -14.48
C SER A 338 11.17 -27.96 -15.18
N SER A 339 11.37 -27.95 -16.50
CA SER A 339 11.36 -29.20 -17.26
C SER A 339 12.47 -30.14 -16.80
N ASP A 340 13.67 -29.60 -16.55
CA ASP A 340 14.76 -30.46 -16.10
C ASP A 340 14.55 -30.91 -14.66
N ASP A 341 13.81 -30.13 -13.87
CA ASP A 341 13.49 -30.57 -12.52
C ASP A 341 12.50 -31.73 -12.52
N VAL A 342 11.41 -31.56 -13.26
CA VAL A 342 10.39 -32.60 -13.39
C VAL A 342 11.02 -33.90 -13.90
N ALA A 343 11.77 -33.82 -15.02
CA ALA A 343 12.41 -35.02 -15.57
C ALA A 343 13.28 -35.68 -14.52
N SER A 344 13.97 -34.89 -13.70
CA SER A 344 14.71 -35.45 -12.58
C SER A 344 13.78 -36.13 -11.59
N LEU A 345 12.69 -35.45 -11.23
CA LEU A 345 11.87 -35.84 -10.09
C LEU A 345 10.89 -36.98 -10.39
N ILE A 346 10.76 -37.39 -11.66
CA ILE A 346 9.89 -38.50 -12.04
C ILE A 346 10.74 -39.64 -12.58
N ASP A 347 10.59 -40.83 -12.00
CA ASP A 347 11.10 -42.06 -12.59
C ASP A 347 10.24 -42.39 -13.81
N ALA A 348 10.77 -42.07 -15.01
CA ALA A 348 10.12 -42.20 -16.33
C ALA A 348 11.05 -41.64 -17.40
N PRO A 349 10.94 -42.10 -18.65
CA PRO A 349 11.82 -41.57 -19.72
C PRO A 349 11.64 -40.07 -19.89
N ARG A 350 12.77 -39.37 -19.97
CA ARG A 350 12.78 -37.91 -20.01
C ARG A 350 11.97 -37.33 -21.17
N SER A 351 11.70 -38.11 -22.22
CA SER A 351 10.87 -37.60 -23.30
C SER A 351 9.40 -38.01 -23.18
N SER A 352 9.05 -38.99 -22.36
CA SER A 352 7.65 -39.14 -22.02
C SER A 352 7.27 -38.24 -20.85
N VAL A 353 8.25 -37.77 -20.09
CA VAL A 353 8.02 -36.72 -19.11
C VAL A 353 7.76 -35.39 -19.81
N PHE A 354 8.57 -35.08 -20.81
CA PHE A 354 8.35 -33.88 -21.61
C PHE A 354 7.01 -33.91 -22.32
N ALA A 355 6.45 -35.10 -22.53
CA ALA A 355 5.11 -35.20 -23.13
C ALA A 355 4.03 -34.86 -22.10
N ALA A 356 4.13 -35.41 -20.90
CA ALA A 356 3.20 -35.08 -19.83
C ALA A 356 3.17 -33.57 -19.56
N ILE A 357 4.33 -32.92 -19.63
CA ILE A 357 4.36 -31.47 -19.47
C ILE A 357 3.50 -30.81 -20.53
N LYS A 358 3.77 -31.15 -21.80
CA LYS A 358 2.99 -30.58 -22.90
C LYS A 358 1.50 -30.88 -22.74
N ARG A 359 1.17 -32.09 -22.29
CA ARG A 359 -0.22 -32.45 -22.06
C ARG A 359 -0.84 -31.56 -20.98
N LEU A 360 -0.13 -31.37 -19.87
CA LEU A 360 -0.63 -30.53 -18.78
C LEU A 360 -0.66 -29.06 -19.19
N HIS A 361 0.30 -28.63 -20.01
CA HIS A 361 0.24 -27.29 -20.57
C HIS A 361 -0.96 -27.12 -21.50
N ASP A 362 -1.13 -28.06 -22.45
CA ASP A 362 -2.22 -27.96 -23.42
C ASP A 362 -3.60 -28.09 -22.77
N THR A 363 -3.72 -28.83 -21.67
CA THR A 363 -5.01 -28.96 -20.99
C THR A 363 -5.28 -27.80 -20.05
N GLY A 364 -4.27 -26.98 -19.76
CA GLY A 364 -4.43 -25.84 -18.89
C GLY A 364 -3.99 -26.06 -17.46
N VAL A 365 -3.46 -27.23 -17.13
CA VAL A 365 -2.96 -27.46 -15.77
C VAL A 365 -1.71 -26.63 -15.50
N LEU A 366 -0.80 -26.56 -16.48
CA LEU A 366 0.45 -25.83 -16.35
C LEU A 366 0.43 -24.54 -17.17
N ARG A 367 1.07 -23.50 -16.64
CA ARG A 367 1.28 -22.24 -17.34
C ARG A 367 2.76 -21.91 -17.31
N PRO A 368 3.28 -21.30 -18.39
CA PRO A 368 4.72 -21.01 -18.44
C PRO A 368 5.05 -19.73 -17.69
N LEU A 369 6.06 -19.79 -16.83
CA LEU A 369 6.53 -18.62 -16.12
C LEU A 369 7.78 -18.00 -16.74
N THR A 370 8.46 -18.72 -17.63
CA THR A 370 9.66 -18.26 -18.32
C THR A 370 9.59 -18.62 -19.80
N ASN A 371 10.24 -17.79 -20.63
CA ASN A 371 10.52 -18.22 -22.00
C ASN A 371 11.84 -18.99 -22.00
N ARG A 372 12.86 -18.41 -21.38
CA ARG A 372 14.19 -18.98 -21.25
C ARG A 372 14.80 -19.28 -22.61
N ARG A 374 13.93 -23.15 -23.88
CA ARG A 374 14.98 -23.58 -22.96
C ARG A 374 14.38 -24.27 -21.75
N ASP A 375 15.08 -24.22 -20.61
CA ASP A 375 14.62 -24.85 -19.36
C ASP A 375 13.43 -24.07 -18.81
N GLN A 376 12.29 -24.30 -19.44
CA GLN A 376 11.07 -23.55 -19.12
C GLN A 376 10.63 -23.87 -17.69
N VAL A 377 10.28 -22.82 -16.92
CA VAL A 377 9.72 -23.02 -15.60
C VAL A 377 8.20 -22.96 -15.69
N TRP A 378 7.55 -23.87 -14.95
CA TRP A 378 6.12 -24.12 -15.04
C TRP A 378 5.46 -23.89 -13.69
N GLY A 379 4.22 -23.42 -13.71
CA GLY A 379 3.48 -23.18 -12.49
C GLY A 379 2.10 -23.78 -12.52
N ALA A 380 1.70 -24.46 -11.44
CA ALA A 380 0.34 -24.96 -11.33
C ALA A 380 -0.61 -23.77 -11.13
N SER A 381 -1.38 -23.42 -12.17
CA SER A 381 -2.13 -22.17 -12.13
C SER A 381 -3.10 -22.12 -10.96
N LEU A 382 -3.88 -23.18 -10.75
CA LEU A 382 -4.86 -23.20 -9.66
C LEU A 382 -4.17 -23.07 -8.30
N VAL A 383 -3.00 -23.69 -8.12
CA VAL A 383 -2.29 -23.51 -6.86
C VAL A 383 -1.80 -22.06 -6.73
N LEU A 384 -1.19 -21.52 -7.79
CA LEU A 384 -0.72 -20.13 -7.74
C LEU A 384 -1.89 -19.16 -7.56
N ASP A 385 -3.04 -19.46 -8.15
CA ASP A 385 -4.19 -18.58 -7.95
C ASP A 385 -4.85 -18.78 -6.59
N GLU A 386 -4.74 -19.96 -5.99
CA GLU A 386 -5.26 -20.07 -4.63
C GLU A 386 -4.45 -19.21 -3.67
N LEU A 387 -3.12 -19.22 -3.80
CA LEU A 387 -2.23 -18.30 -3.10
C LEU A 387 -2.81 -16.89 -3.12
N ASP A 388 -3.23 -16.45 -4.29
CA ASP A 388 -3.67 -15.08 -4.45
C ASP A 388 -5.09 -14.87 -3.96
N ASP A 389 -5.96 -15.87 -4.12
CA ASP A 389 -7.36 -15.77 -3.71
C ASP A 389 -7.49 -15.76 -2.19
N LEU A 390 -6.65 -16.54 -1.51
CA LEU A 390 -6.66 -16.51 -0.05
C LEU A 390 -6.44 -15.10 0.47
N GLY A 391 -5.43 -14.40 -0.06
CA GLY A 391 -5.16 -13.05 0.39
C GLY A 391 -6.31 -12.09 0.14
N HIS A 392 -7.00 -12.22 -0.98
CA HIS A 392 -8.12 -11.32 -1.20
C HIS A 392 -9.28 -11.66 -0.28
N ARG A 393 -9.52 -12.95 -0.06
CA ARG A 393 -10.63 -13.35 0.79
C ARG A 393 -10.42 -12.90 2.23
N ILE A 394 -9.18 -13.00 2.73
CA ILE A 394 -8.91 -12.54 4.07
C ILE A 394 -9.05 -11.03 4.17
N GLU A 395 -8.53 -10.29 3.19
CA GLU A 395 -8.69 -8.84 3.25
C GLU A 395 -10.16 -8.45 3.16
N ARG A 396 -10.93 -9.18 2.36
CA ARG A 396 -12.36 -8.90 2.26
C ARG A 396 -13.03 -9.09 3.61
N ALA A 397 -12.74 -10.21 4.27
CA ALA A 397 -13.46 -10.60 5.49
C ALA A 397 -13.05 -9.78 6.72
N SER A 398 -12.13 -8.84 6.57
CA SER A 398 -11.79 -7.87 7.61
C SER A 398 -12.71 -6.66 7.48
N ALA A 399 -13.65 -6.53 8.43
CA ALA A 399 -14.63 -5.43 8.39
C ALA A 399 -14.51 -4.55 9.64
N PRO B 3 -20.26 -6.35 -25.96
CA PRO B 3 -21.35 -5.94 -26.86
C PRO B 3 -21.48 -4.41 -26.87
N SER B 4 -22.37 -3.90 -26.03
CA SER B 4 -22.43 -2.47 -25.75
C SER B 4 -21.23 -2.00 -24.95
N ASP B 5 -20.38 -2.92 -24.49
CA ASP B 5 -19.18 -2.60 -23.72
C ASP B 5 -17.90 -3.02 -24.42
N ALA B 6 -17.93 -3.21 -25.74
CA ALA B 6 -16.74 -3.57 -26.49
C ALA B 6 -15.97 -2.32 -26.93
N TRP B 7 -14.68 -2.53 -27.21
CA TRP B 7 -13.76 -1.46 -27.53
C TRP B 7 -12.61 -2.06 -28.32
N PRO B 8 -12.08 -1.38 -29.32
CA PRO B 8 -10.95 -1.94 -30.07
C PRO B 8 -9.84 -2.33 -29.10
N ARG B 9 -9.37 -3.58 -29.21
CA ARG B 9 -8.34 -4.06 -28.31
C ARG B 9 -6.95 -3.58 -28.71
N HIS B 10 -6.05 -3.60 -27.74
CA HIS B 10 -4.63 -3.43 -28.01
C HIS B 10 -4.11 -4.60 -28.87
N SER B 11 -3.17 -4.28 -29.77
CA SER B 11 -2.41 -5.30 -30.48
C SER B 11 -0.94 -5.27 -30.07
N ALA B 12 -0.19 -6.27 -30.54
CA ALA B 12 1.21 -6.44 -30.15
C ALA B 12 2.12 -6.42 -31.38
N GLU B 13 3.38 -6.05 -31.16
CA GLU B 13 4.38 -6.04 -32.23
C GLU B 13 5.77 -6.23 -31.62
N ARG B 14 6.65 -6.85 -32.39
CA ARG B 14 8.00 -7.15 -31.93
C ARG B 14 8.93 -6.00 -32.30
N ARG B 15 9.57 -5.41 -31.30
CA ARG B 15 10.58 -4.39 -31.49
C ARG B 15 11.91 -4.91 -30.96
N PRO B 16 13.02 -4.51 -31.58
CA PRO B 16 14.33 -4.80 -31.00
C PRO B 16 14.50 -4.06 -29.69
N TRP B 17 15.32 -4.62 -28.80
CA TRP B 17 15.57 -3.97 -27.51
C TRP B 17 17.02 -4.20 -27.10
N ALA B 18 17.60 -3.19 -26.47
CA ALA B 18 18.97 -3.24 -25.97
C ALA B 18 19.07 -2.53 -24.63
N GLN B 19 19.81 -3.12 -23.69
CA GLN B 19 20.00 -2.47 -22.39
C GLN B 19 20.76 -1.16 -22.50
N THR B 20 20.13 -0.07 -22.07
CA THR B 20 20.79 1.23 -21.98
C THR B 20 21.49 1.47 -20.66
N GLN B 21 21.10 0.66 -19.67
CA GLN B 21 21.43 0.81 -18.24
C GLN B 21 22.64 -0.04 -17.87
N ARG B 22 22.77 -0.35 -16.58
CA ARG B 22 24.00 -1.02 -16.13
C ARG B 22 23.79 -2.46 -15.70
N GLY B 23 22.85 -2.71 -14.81
CA GLY B 23 22.73 -4.04 -14.19
C GLY B 23 21.76 -5.07 -14.73
N GLY B 24 21.26 -5.86 -13.79
CA GLY B 24 20.41 -7.02 -13.99
C GLY B 24 21.24 -8.28 -14.12
N THR B 25 20.56 -9.40 -14.35
CA THR B 25 21.21 -10.68 -14.47
C THR B 25 21.71 -10.86 -15.90
N ARG B 26 22.23 -12.05 -16.23
CA ARG B 26 22.64 -12.33 -17.62
C ARG B 26 21.43 -12.28 -18.57
N ALA B 27 20.30 -12.85 -18.17
CA ALA B 27 19.09 -12.86 -19.02
C ALA B 27 18.61 -11.44 -19.32
N ASP B 28 18.84 -10.51 -18.41
CA ASP B 28 18.55 -9.10 -18.68
C ASP B 28 19.51 -8.52 -19.71
N ARG B 29 20.76 -8.97 -19.69
CA ARG B 29 21.81 -8.40 -20.55
C ARG B 29 21.80 -8.99 -21.96
N THR B 30 21.38 -10.24 -22.12
CA THR B 30 21.31 -10.86 -23.44
C THR B 30 19.99 -10.57 -24.14
N LEU B 31 18.99 -10.04 -23.44
CA LEU B 31 17.69 -9.76 -24.06
C LEU B 31 17.88 -8.85 -25.26
N ARG B 32 17.44 -9.33 -26.42
CA ARG B 32 17.61 -8.58 -27.66
C ARG B 32 16.30 -8.10 -28.28
N SER B 33 15.15 -8.49 -27.72
CA SER B 33 13.86 -8.22 -28.33
C SER B 33 12.84 -8.00 -27.22
N VAL B 34 11.82 -7.21 -27.54
CA VAL B 34 10.71 -6.94 -26.63
C VAL B 34 9.41 -6.86 -27.45
N THR B 35 8.29 -7.28 -26.83
CA THR B 35 6.96 -7.21 -27.45
C THR B 35 6.16 -6.05 -26.84
N VAL B 36 5.87 -5.03 -27.66
CA VAL B 36 5.13 -3.86 -27.18
C VAL B 36 3.66 -4.03 -27.49
N SER B 37 2.82 -3.56 -26.59
CA SER B 37 1.40 -3.48 -26.83
C SER B 37 1.14 -2.16 -27.54
N LEU B 38 0.23 -2.19 -28.50
CA LEU B 38 -0.12 -1.00 -29.28
C LEU B 38 -1.55 -0.59 -29.00
N PRO B 39 -1.80 0.52 -28.32
CA PRO B 39 -3.19 0.92 -28.04
C PRO B 39 -3.92 1.27 -29.33
N PRO B 40 -5.25 1.21 -29.34
CA PRO B 40 -5.99 1.66 -30.52
C PRO B 40 -5.91 3.18 -30.61
N TYR B 41 -6.21 3.73 -31.77
CA TYR B 41 -6.44 5.17 -31.91
C TYR B 41 -7.90 5.43 -31.61
N ILE B 42 -8.17 6.31 -30.65
CA ILE B 42 -9.52 6.38 -30.11
C ILE B 42 -10.22 7.66 -30.47
N ALA B 43 -9.57 8.58 -31.19
CA ALA B 43 -10.15 9.92 -31.31
C ALA B 43 -11.50 9.89 -31.99
N LYS B 44 -11.73 8.92 -32.88
CA LYS B 44 -12.96 8.84 -33.64
C LYS B 44 -13.82 7.63 -33.28
N VAL B 45 -13.45 6.84 -32.29
CA VAL B 45 -14.22 5.65 -31.95
C VAL B 45 -15.49 6.07 -31.20
N ASP B 46 -16.57 5.33 -31.43
CA ASP B 46 -17.80 5.50 -30.67
C ASP B 46 -18.00 4.33 -29.73
N ALA B 47 -18.86 4.55 -28.75
CA ALA B 47 -19.22 3.56 -27.74
C ALA B 47 -20.73 3.45 -27.67
N ASN B 48 -21.24 2.23 -27.76
CA ASN B 48 -22.63 2.02 -27.41
C ASN B 48 -22.75 2.23 -25.91
N ILE B 49 -23.82 2.89 -25.48
CA ILE B 49 -23.92 3.30 -24.08
C ILE B 49 -24.01 2.09 -23.16
N ASP B 50 -25.06 1.29 -23.32
CA ASP B 50 -25.43 0.12 -22.47
C ASP B 50 -26.23 0.55 -21.24
N ALA B 51 -27.47 0.09 -21.19
CA ALA B 51 -28.55 0.44 -20.22
C ALA B 51 -28.23 0.35 -18.74
N ASP B 52 -27.92 -0.84 -18.26
CA ASP B 52 -27.72 -0.98 -16.81
C ASP B 52 -26.58 -0.11 -16.31
N ILE B 53 -25.56 0.10 -17.13
CA ILE B 53 -24.47 0.97 -16.77
C ILE B 53 -24.92 2.42 -16.83
N ALA B 54 -25.84 2.73 -17.76
CA ALA B 54 -26.36 4.09 -17.87
C ALA B 54 -27.00 4.56 -16.56
N VAL B 55 -27.82 3.71 -15.93
CA VAL B 55 -28.42 4.09 -14.65
C VAL B 55 -27.34 4.33 -13.61
N LYS B 56 -26.35 3.43 -13.54
CA LYS B 56 -25.21 3.65 -12.63
C LYS B 56 -24.54 4.98 -12.95
N LEU B 57 -24.24 5.20 -14.23
CA LEU B 57 -23.68 6.49 -14.64
C LEU B 57 -24.54 7.65 -14.18
N GLU B 58 -25.86 7.52 -14.32
CA GLU B 58 -26.75 8.62 -13.96
C GLU B 58 -26.72 8.93 -12.47
N ASP B 59 -26.69 7.89 -11.62
CA ASP B 59 -26.70 8.13 -10.18
C ASP B 59 -25.39 8.73 -9.71
N ALA B 60 -24.27 8.30 -10.30
CA ALA B 60 -22.99 8.95 -10.03
C ALA B 60 -23.06 10.44 -10.38
N MET B 61 -23.72 10.77 -11.48
CA MET B 61 -23.76 12.16 -11.88
C MET B 61 -24.69 12.97 -11.00
N SER B 62 -25.79 12.38 -10.52
CA SER B 62 -26.60 13.05 -9.51
C SER B 62 -25.76 13.51 -8.33
N GLU B 63 -24.96 12.60 -7.76
CA GLU B 63 -24.12 12.98 -6.63
C GLU B 63 -23.07 14.01 -7.04
N ILE B 64 -22.44 13.84 -8.20
CA ILE B 64 -21.43 14.81 -8.60
C ILE B 64 -22.05 16.17 -8.79
N SER B 65 -23.24 16.22 -9.40
CA SER B 65 -23.82 17.52 -9.70
C SER B 65 -24.27 18.21 -8.42
N ARG B 66 -24.89 17.46 -7.50
CA ARG B 66 -25.32 18.07 -6.25
C ARG B 66 -24.12 18.47 -5.39
N LEU B 67 -23.08 17.63 -5.36
CA LEU B 67 -21.85 18.02 -4.69
C LEU B 67 -21.33 19.35 -5.22
N ASP B 68 -21.14 19.45 -6.54
CA ASP B 68 -20.52 20.63 -7.15
C ASP B 68 -21.36 21.89 -7.00
N SER B 69 -22.60 21.81 -6.54
CA SER B 69 -23.48 22.97 -6.41
C SER B 69 -23.70 23.37 -4.94
N THR B 70 -22.75 23.06 -4.06
CA THR B 70 -22.88 23.37 -2.64
C THR B 70 -22.60 24.84 -2.40
N HIS B 71 -23.62 25.59 -1.97
CA HIS B 71 -23.45 27.01 -1.65
C HIS B 71 -23.50 27.18 -0.14
N LEU B 75 -19.46 26.93 0.92
CA LEU B 75 -18.75 26.43 2.10
C LEU B 75 -17.25 26.68 1.97
N ALA B 76 -16.66 27.26 3.02
CA ALA B 76 -15.25 27.60 3.02
C ALA B 76 -14.43 26.39 3.43
N GLY B 77 -13.35 26.12 2.69
CA GLY B 77 -12.50 25.00 2.94
C GLY B 77 -12.81 23.78 2.11
N LEU B 78 -14.06 23.62 1.67
CA LEU B 78 -14.48 22.36 1.06
C LEU B 78 -13.64 22.08 -0.18
N SER B 79 -13.39 23.11 -1.00
CA SER B 79 -12.67 22.91 -2.26
C SER B 79 -11.25 22.43 -2.00
N THR B 80 -10.55 23.11 -1.09
CA THR B 80 -9.17 22.71 -0.79
C THR B 80 -9.14 21.33 -0.17
N LEU B 81 -10.11 21.01 0.69
CA LEU B 81 -10.10 19.70 1.32
C LEU B 81 -10.28 18.59 0.30
N LEU B 82 -11.23 18.75 -0.64
CA LEU B 82 -11.43 17.71 -1.65
C LEU B 82 -10.19 17.56 -2.53
N LEU B 83 -9.66 18.69 -2.99
CA LEU B 83 -8.42 18.68 -3.76
C LEU B 83 -7.32 17.90 -3.03
N ARG B 84 -7.15 18.15 -1.74
CA ARG B 84 -6.11 17.46 -1.03
C ARG B 84 -6.46 15.98 -0.82
N THR B 85 -7.74 15.70 -0.51
CA THR B 85 -8.18 14.31 -0.35
C THR B 85 -7.88 13.50 -1.60
N GLU B 86 -8.17 14.06 -2.77
CA GLU B 86 -7.90 13.34 -4.01
C GLU B 86 -6.41 13.12 -4.21
N SER B 87 -5.61 14.14 -3.93
CA SER B 87 -4.17 14.04 -4.11
C SER B 87 -3.53 13.07 -3.12
N VAL B 88 -3.99 13.05 -1.87
CA VAL B 88 -3.36 12.15 -0.90
C VAL B 88 -3.66 10.71 -1.27
N ALA B 89 -4.92 10.42 -1.62
CA ALA B 89 -5.28 9.05 -1.99
C ALA B 89 -4.57 8.64 -3.27
N SER B 90 -4.52 9.55 -4.25
CA SER B 90 -3.85 9.24 -5.50
C SER B 90 -2.37 8.93 -5.28
N SER B 91 -1.71 9.68 -4.40
CA SER B 91 -0.34 9.35 -4.05
C SER B 91 -0.27 8.01 -3.36
N LYS B 92 -1.21 7.74 -2.46
CA LYS B 92 -1.23 6.49 -1.72
C LYS B 92 -1.34 5.28 -2.65
N ILE B 93 -1.85 5.49 -3.86
CA ILE B 93 -1.97 4.40 -4.82
C ILE B 93 -0.58 3.96 -5.29
N GLU B 94 0.35 4.90 -5.50
CA GLU B 94 1.73 4.52 -5.77
C GLU B 94 2.56 4.46 -4.49
N ARG B 95 1.92 4.09 -3.39
CA ARG B 95 2.58 3.86 -2.11
C ARG B 95 3.46 5.03 -1.69
N VAL B 96 3.11 6.25 -2.07
CA VAL B 96 3.70 7.49 -1.56
C VAL B 96 2.78 7.98 -0.45
N GLU B 97 3.26 7.91 0.80
CA GLU B 97 2.42 8.06 1.99
C GLU B 97 3.18 8.82 3.06
N ALA B 98 2.42 9.49 3.92
CA ALA B 98 2.98 10.22 5.05
C ALA B 98 1.83 10.54 5.98
N SER B 99 2.15 11.03 7.17
CA SER B 99 1.07 11.24 8.12
C SER B 99 0.31 12.51 7.80
N VAL B 100 -0.84 12.66 8.47
CA VAL B 100 -1.62 13.89 8.34
C VAL B 100 -0.74 15.10 8.63
N ASP B 101 0.01 15.02 9.74
CA ASP B 101 0.86 16.13 10.16
C ASP B 101 2.05 16.30 9.22
N ASP B 102 2.64 15.20 8.74
CA ASP B 102 3.67 15.32 7.70
C ASP B 102 3.14 16.12 6.51
N TYR B 103 1.94 15.77 6.05
CA TYR B 103 1.37 16.47 4.91
C TYR B 103 1.09 17.93 5.25
N ALA B 104 0.52 18.20 6.43
CA ALA B 104 0.26 19.57 6.84
C ALA B 104 1.55 20.38 6.93
N ARG B 105 2.62 19.78 7.48
CA ARG B 105 3.90 20.48 7.53
C ARG B 105 4.42 20.79 6.13
N ALA B 106 4.29 19.82 5.21
CA ALA B 106 4.81 20.02 3.86
C ALA B 106 3.95 21.00 3.08
N LEU B 107 2.64 20.99 3.31
CA LEU B 107 1.77 22.00 2.72
C LEU B 107 2.22 23.40 3.08
N HIS B 108 2.72 23.59 4.30
CA HIS B 108 3.21 24.89 4.73
C HIS B 108 4.64 25.15 4.29
N GLY B 109 5.28 24.24 3.56
CA GLY B 109 6.62 24.47 3.05
C GLY B 109 7.71 23.63 3.65
N GLY B 110 7.41 22.77 4.63
CA GLY B 110 8.44 21.94 5.22
C GLY B 110 8.90 20.85 4.26
N ARG B 111 10.21 20.60 4.28
CA ARG B 111 10.89 19.77 3.28
C ARG B 111 11.59 18.55 3.89
N GLY B 112 11.45 18.31 5.19
CA GLY B 112 12.21 17.23 5.81
C GLY B 112 11.76 15.83 5.43
N ASN B 113 10.50 15.68 5.01
CA ASN B 113 9.86 14.42 4.64
C ASN B 113 9.60 14.40 3.13
N SER B 114 10.39 13.61 2.38
CA SER B 114 10.28 13.67 0.92
C SER B 114 8.98 13.05 0.41
N SER B 115 8.42 12.05 1.10
CA SER B 115 7.11 11.53 0.72
C SER B 115 6.07 12.64 0.76
N ALA B 116 6.10 13.43 1.83
CA ALA B 116 5.10 14.49 1.95
C ALA B 116 5.32 15.59 0.91
N VAL B 117 6.58 15.87 0.57
CA VAL B 117 6.84 16.84 -0.48
C VAL B 117 6.22 16.39 -1.78
N SER B 118 6.32 15.10 -2.08
CA SER B 118 5.72 14.57 -3.29
C SER B 118 4.20 14.65 -3.25
N MET B 119 3.59 14.41 -2.08
CA MET B 119 2.13 14.55 -1.98
C MET B 119 1.70 15.98 -2.25
N VAL B 120 2.51 16.95 -1.83
CA VAL B 120 2.18 18.34 -2.13
C VAL B 120 2.40 18.61 -3.61
N ALA B 121 3.42 17.99 -4.21
CA ALA B 121 3.66 18.12 -5.64
C ALA B 121 2.46 17.62 -6.43
N ALA B 122 1.96 16.44 -6.02
CA ALA B 122 0.78 15.84 -6.62
C ALA B 122 -0.46 16.72 -6.42
N THR B 123 -0.55 17.43 -5.29
CA THR B 123 -1.64 18.38 -5.09
C THR B 123 -1.53 19.54 -6.06
N THR B 124 -0.34 20.13 -6.14
CA THR B 124 -0.13 21.24 -7.07
C THR B 124 -0.37 20.81 -8.51
N ALA B 125 0.10 19.62 -8.86
CA ALA B 125 -0.02 19.15 -10.23
C ALA B 125 -1.49 18.96 -10.60
N LEU B 126 -2.29 18.50 -9.65
CA LEU B 126 -3.72 18.35 -9.89
C LEU B 126 -4.40 19.70 -9.98
N LYS B 127 -4.07 20.61 -9.04
CA LYS B 127 -4.75 21.89 -8.97
C LYS B 127 -4.58 22.68 -10.25
N GLU B 128 -3.37 22.74 -10.79
CA GLU B 128 -3.19 23.53 -11.99
C GLU B 128 -3.69 22.82 -13.24
N MET B 129 -3.80 21.49 -13.22
CA MET B 129 -4.34 20.83 -14.40
C MET B 129 -5.85 21.07 -14.51
N ILE B 130 -6.57 21.06 -13.40
CA ILE B 130 -7.99 21.37 -13.52
C ILE B 130 -8.20 22.87 -13.75
N ALA B 131 -7.31 23.71 -13.17
CA ALA B 131 -7.39 25.15 -13.36
C ALA B 131 -7.24 25.57 -14.82
N SER B 132 -6.58 24.76 -15.64
CA SER B 132 -6.26 25.17 -17.00
C SER B 132 -7.44 24.96 -17.93
N VAL B 133 -8.58 24.57 -17.39
CA VAL B 133 -9.59 23.92 -18.21
C VAL B 133 -10.99 24.49 -18.00
N ASN B 134 -11.81 24.55 -19.03
CA ASN B 134 -13.24 24.96 -19.02
C ASN B 134 -13.60 26.32 -18.47
N ARG B 135 -12.83 27.24 -18.99
CA ARG B 135 -13.05 28.69 -19.09
C ARG B 135 -13.11 28.86 -20.62
N ASP B 136 -13.73 27.85 -21.29
CA ASP B 136 -13.85 27.53 -22.72
C ASP B 136 -12.45 27.13 -23.16
N ALA B 137 -11.60 26.60 -22.28
CA ALA B 137 -10.25 26.27 -22.73
C ALA B 137 -10.09 24.77 -22.80
N PRO B 138 -9.74 24.19 -23.94
CA PRO B 138 -9.64 22.73 -24.02
C PRO B 138 -8.43 22.20 -23.27
N ILE B 139 -8.49 20.90 -23.00
CA ILE B 139 -7.37 20.17 -22.41
C ILE B 139 -6.19 20.23 -23.37
N GLN B 140 -5.09 20.82 -22.93
CA GLN B 140 -3.91 20.97 -23.78
C GLN B 140 -2.75 20.12 -23.28
N MET B 141 -1.92 19.69 -24.25
CA MET B 141 -0.70 18.95 -23.90
C MET B 141 0.20 19.75 -22.96
N THR B 142 0.19 21.08 -23.07
CA THR B 142 1.00 21.86 -22.14
C THR B 142 0.55 21.63 -20.70
N ALA B 143 -0.75 21.50 -20.47
CA ALA B 143 -1.20 21.28 -19.09
C ALA B 143 -0.73 19.93 -18.56
N ILE B 144 -0.67 18.91 -19.42
CA ILE B 144 -0.22 17.59 -18.99
C ILE B 144 1.27 17.61 -18.67
N LEU B 145 2.05 18.25 -19.54
CA LEU B 145 3.48 18.35 -19.28
C LEU B 145 3.73 19.17 -18.03
N ARG B 146 2.97 20.25 -17.84
CA ARG B 146 3.16 21.12 -16.69
C ARG B 146 2.82 20.40 -15.39
N ALA B 147 1.82 19.52 -15.44
CA ALA B 147 1.47 18.72 -14.27
C ALA B 147 2.56 17.70 -13.94
N HIS B 148 3.11 17.02 -14.95
CA HIS B 148 4.20 16.09 -14.69
C HIS B 148 5.41 16.80 -14.13
N GLU B 149 5.72 17.99 -14.66
CA GLU B 149 6.81 18.81 -14.15
C GLU B 149 6.61 19.16 -12.69
N ALA B 150 5.42 19.65 -12.36
CA ALA B 150 5.12 20.05 -10.98
C ALA B 150 5.26 18.87 -10.04
N LEU B 151 4.88 17.68 -10.50
CA LEU B 151 4.89 16.49 -9.65
C LEU B 151 6.29 15.92 -9.50
N MET B 152 7.03 15.80 -10.60
CA MET B 152 8.28 15.07 -10.63
C MET B 152 9.50 15.94 -10.49
N ARG B 153 9.36 17.26 -10.55
CA ARG B 153 10.47 18.08 -10.12
C ARG B 153 10.78 17.62 -8.69
N GLU B 154 12.07 17.54 -8.36
CA GLU B 154 12.58 17.14 -7.03
C GLU B 154 12.54 15.64 -6.79
N ASP B 155 12.45 14.84 -7.82
CA ASP B 155 12.47 13.41 -7.63
C ASP B 155 13.89 12.90 -7.83
N PRO B 156 14.29 11.82 -7.15
CA PRO B 156 15.69 11.37 -7.24
C PRO B 156 16.21 10.56 -8.43
N THR B 157 15.42 9.65 -9.01
CA THR B 157 15.91 8.94 -10.19
C THR B 157 15.08 9.55 -11.31
N GLU B 158 14.14 10.43 -10.95
CA GLU B 158 13.26 11.13 -11.85
C GLU B 158 13.59 12.63 -11.80
N GLY B 159 12.66 13.46 -12.24
CA GLY B 159 12.88 14.90 -12.30
C GLY B 159 13.92 15.31 -13.33
N GLN B 160 14.72 14.35 -13.77
CA GLN B 160 15.64 14.61 -14.87
C GLN B 160 14.86 14.76 -16.16
N HIS B 161 13.71 14.11 -16.23
CA HIS B 161 12.84 14.13 -17.39
C HIS B 161 11.48 14.70 -16.99
N ALA B 162 11.45 15.53 -15.96
CA ALA B 162 10.21 16.18 -15.55
C ALA B 162 9.74 17.12 -16.65
N GLY B 163 8.49 16.93 -17.11
CA GLY B 163 7.91 17.78 -18.11
C GLY B 163 8.09 17.31 -19.53
N GLN B 164 8.74 16.16 -19.73
CA GLN B 164 8.99 15.62 -21.06
C GLN B 164 8.47 14.20 -21.16
N VAL B 165 7.76 13.88 -22.26
CA VAL B 165 7.42 12.49 -22.51
C VAL B 165 8.72 11.70 -22.71
N ARG B 166 8.65 10.42 -22.40
CA ARG B 166 9.82 9.57 -22.49
C ARG B 166 10.32 9.48 -23.93
N THR B 167 11.62 9.20 -24.05
CA THR B 167 12.24 8.90 -25.33
C THR B 167 12.78 7.47 -25.36
N VAL B 168 12.44 6.65 -24.36
CA VAL B 168 12.88 5.26 -24.26
C VAL B 168 11.66 4.37 -24.17
N GLN B 169 11.91 3.06 -24.23
CA GLN B 169 10.89 2.05 -24.05
C GLN B 169 10.77 1.74 -22.54
N ASN B 170 9.57 1.90 -21.98
CA ASN B 170 9.30 1.55 -20.58
C ASN B 170 8.48 0.25 -20.50
N TRP B 171 8.22 -0.19 -19.28
CA TRP B 171 7.32 -1.33 -19.05
C TRP B 171 6.85 -1.30 -17.59
N ILE B 172 5.92 -2.21 -17.28
CA ILE B 172 5.33 -2.30 -15.95
C ILE B 172 5.61 -3.68 -15.36
N GLY B 173 6.26 -3.70 -14.20
CA GLY B 173 6.51 -4.97 -13.54
C GLY B 173 7.65 -5.75 -14.20
N GLY B 174 7.58 -7.07 -14.05
CA GLY B 174 8.58 -7.94 -14.61
C GLY B 174 9.96 -7.66 -14.03
N SER B 175 10.98 -7.84 -14.85
CA SER B 175 12.34 -7.59 -14.38
C SER B 175 12.57 -6.10 -14.16
N ASP B 176 13.52 -5.80 -13.26
CA ASP B 176 13.91 -4.41 -12.99
C ASP B 176 14.75 -3.79 -14.09
N TYR B 177 15.47 -4.58 -14.87
CA TYR B 177 16.45 -4.03 -15.80
C TYR B 177 16.20 -4.41 -17.24
N SER B 178 15.12 -5.09 -17.48
CA SER B 178 14.73 -5.36 -18.86
C SER B 178 13.23 -5.55 -18.87
N PRO B 179 12.54 -5.47 -20.02
CA PRO B 179 11.10 -5.75 -20.10
C PRO B 179 10.69 -7.23 -19.95
N ARG B 180 11.67 -8.10 -19.77
CA ARG B 180 11.60 -9.52 -19.44
C ARG B 180 10.61 -9.67 -18.32
N ASN B 181 9.64 -10.53 -18.62
CA ASN B 181 8.51 -10.91 -17.77
C ASN B 181 7.57 -9.73 -17.46
N ALA B 182 7.66 -8.62 -18.19
CA ALA B 182 6.85 -7.46 -17.90
C ALA B 182 5.37 -7.83 -17.87
N LEU B 183 4.63 -7.14 -17.02
CA LEU B 183 3.19 -7.32 -16.98
C LEU B 183 2.52 -6.63 -18.16
N TYR B 184 2.95 -5.39 -18.43
CA TYR B 184 2.50 -4.57 -19.56
C TYR B 184 3.70 -3.82 -20.12
N VAL B 185 3.81 -3.77 -21.45
CA VAL B 185 4.81 -2.97 -22.13
C VAL B 185 4.09 -1.91 -22.95
N PRO B 186 4.18 -0.64 -22.57
CA PRO B 186 3.52 0.43 -23.36
C PRO B 186 4.11 0.54 -24.75
N PRO B 187 3.48 1.29 -25.66
CA PRO B 187 3.96 1.35 -27.06
C PRO B 187 5.35 1.97 -27.16
N PRO B 188 6.02 1.86 -28.32
CA PRO B 188 7.38 2.41 -28.44
C PRO B 188 7.36 3.93 -28.36
N PRO B 189 8.46 4.54 -27.91
CA PRO B 189 8.47 6.00 -27.73
C PRO B 189 8.27 6.78 -29.03
N ASP B 190 8.66 6.22 -30.17
CA ASP B 190 8.45 7.01 -31.38
C ASP B 190 6.97 7.16 -31.72
N THR B 191 6.07 6.52 -30.95
CA THR B 191 4.61 6.65 -31.15
C THR B 191 3.91 7.44 -30.05
N VAL B 192 4.62 7.93 -29.03
CA VAL B 192 3.96 8.57 -27.91
C VAL B 192 3.31 9.89 -28.34
N HIS B 193 3.99 10.68 -29.17
CA HIS B 193 3.42 11.95 -29.61
C HIS B 193 2.15 11.75 -30.40
N ALA B 194 2.16 10.81 -31.35
CA ALA B 194 0.93 10.54 -32.08
C ALA B 194 -0.17 10.12 -31.11
N TYR B 195 0.19 9.31 -30.11
CA TYR B 195 -0.81 8.77 -29.20
C TYR B 195 -1.38 9.85 -28.30
N MET B 196 -0.53 10.78 -27.81
CA MET B 196 -1.04 11.82 -26.93
C MET B 196 -1.94 12.78 -27.69
N ASP B 197 -1.58 13.11 -28.94
CA ASP B 197 -2.44 13.94 -29.77
C ASP B 197 -3.83 13.34 -29.89
N ASP B 198 -3.89 12.06 -30.25
CA ASP B 198 -5.15 11.32 -30.38
C ASP B 198 -5.94 11.32 -29.08
N LEU B 199 -5.25 11.08 -27.95
CA LEU B 199 -5.90 11.15 -26.65
C LEU B 199 -6.46 12.54 -26.42
N ILE B 200 -5.67 13.58 -26.72
CA ILE B 200 -6.17 14.93 -26.45
C ILE B 200 -7.35 15.27 -27.36
N GLU B 201 -7.35 14.81 -28.62
CA GLU B 201 -8.55 15.02 -29.42
C GLU B 201 -9.73 14.29 -28.79
N PHE B 202 -9.51 13.06 -28.34
CA PHE B 202 -10.58 12.31 -27.68
C PHE B 202 -11.05 12.99 -26.40
N ALA B 203 -10.10 13.47 -25.58
CA ALA B 203 -10.40 14.07 -24.27
C ALA B 203 -11.12 15.42 -24.40
N ASN B 204 -11.21 15.96 -25.61
CA ASN B 204 -11.90 17.22 -25.82
C ASN B 204 -13.23 17.07 -26.54
N ARG B 205 -13.57 15.87 -27.00
CA ARG B 205 -14.87 15.65 -27.60
C ARG B 205 -15.99 16.01 -26.62
N THR B 206 -17.19 16.28 -27.16
CA THR B 206 -18.35 16.55 -26.31
C THR B 206 -19.53 15.65 -26.65
N ASP B 207 -19.32 14.59 -27.43
CA ASP B 207 -20.41 13.69 -27.78
C ASP B 207 -20.36 12.38 -27.01
N ILE B 208 -19.58 12.31 -25.93
CA ILE B 208 -19.51 11.12 -25.07
C ILE B 208 -20.02 11.51 -23.69
N PRO B 209 -20.81 10.67 -23.02
CA PRO B 209 -21.07 10.87 -21.59
C PRO B 209 -19.77 11.10 -20.84
N VAL B 210 -19.72 12.16 -20.02
CA VAL B 210 -18.44 12.63 -19.49
C VAL B 210 -17.77 11.58 -18.60
N LEU B 211 -18.53 10.82 -17.80
CA LEU B 211 -17.86 9.83 -16.96
C LEU B 211 -17.26 8.72 -17.80
N ILE B 212 -17.96 8.29 -18.87
CA ILE B 212 -17.36 7.37 -19.83
C ILE B 212 -16.15 8.00 -20.49
N GLN B 213 -16.26 9.29 -20.86
CA GLN B 213 -15.13 9.98 -21.47
C GLN B 213 -13.93 9.97 -20.55
N ALA B 214 -14.12 10.43 -19.31
CA ALA B 214 -13.05 10.43 -18.33
C ALA B 214 -12.47 9.03 -18.12
N ALA B 215 -13.35 8.04 -17.98
CA ALA B 215 -12.90 6.68 -17.70
C ALA B 215 -12.03 6.15 -18.82
N ILE B 216 -12.42 6.38 -20.08
CA ILE B 216 -11.60 5.93 -21.20
C ILE B 216 -10.38 6.81 -21.36
N ALA B 217 -10.52 8.12 -21.15
CA ALA B 217 -9.36 8.98 -21.28
C ALA B 217 -8.29 8.57 -20.28
N HIS B 218 -8.71 8.20 -19.07
CA HIS B 218 -7.74 7.76 -18.08
C HIS B 218 -7.08 6.46 -18.51
N ALA B 219 -7.89 5.44 -18.83
CA ALA B 219 -7.34 4.15 -19.22
C ALA B 219 -6.37 4.28 -20.38
N GLN B 220 -6.76 5.04 -21.41
CA GLN B 220 -5.90 5.23 -22.58
C GLN B 220 -4.60 5.90 -22.19
N PHE B 221 -4.67 6.87 -21.28
CA PHE B 221 -3.46 7.50 -20.79
C PHE B 221 -2.53 6.46 -20.18
N GLU B 222 -3.07 5.59 -19.33
CA GLU B 222 -2.20 4.63 -18.66
C GLU B 222 -1.59 3.65 -19.65
N SER B 223 -2.33 3.33 -20.71
CA SER B 223 -1.84 2.41 -21.73
C SER B 223 -0.71 3.03 -22.55
N ILE B 224 -0.84 4.30 -22.92
CA ILE B 224 0.29 4.95 -23.59
C ILE B 224 1.44 5.06 -22.60
N HIS B 225 1.13 5.36 -21.35
CA HIS B 225 2.12 5.46 -20.28
C HIS B 225 3.22 6.41 -20.77
N PRO B 226 2.86 7.66 -21.10
CA PRO B 226 3.78 8.52 -21.86
C PRO B 226 5.05 8.88 -21.12
N PHE B 227 5.07 8.79 -19.80
CA PHE B 227 6.22 9.20 -19.02
C PHE B 227 7.00 7.99 -18.49
N THR B 228 8.28 8.19 -18.24
CA THR B 228 9.03 7.19 -17.45
C THR B 228 8.41 7.01 -16.08
N ASP B 229 8.02 8.10 -15.42
CA ASP B 229 7.42 8.01 -14.10
C ASP B 229 6.33 9.05 -13.93
N GLY B 230 5.42 8.75 -13.00
CA GLY B 230 4.33 9.63 -12.64
C GLY B 230 3.03 9.39 -13.37
N ASN B 231 2.94 8.30 -14.17
CA ASN B 231 1.79 8.13 -15.06
C ASN B 231 0.50 7.83 -14.30
N GLY B 232 0.59 7.17 -13.13
CA GLY B 232 -0.60 7.00 -12.32
C GLY B 232 -1.19 8.31 -11.87
N ARG B 233 -0.35 9.16 -11.25
CA ARG B 233 -0.82 10.37 -10.60
C ARG B 233 -1.22 11.44 -11.60
N ILE B 234 -0.47 11.56 -12.71
CA ILE B 234 -0.85 12.51 -13.76
C ILE B 234 -2.08 12.01 -14.53
N GLY B 235 -2.14 10.70 -14.81
CA GLY B 235 -3.31 10.14 -15.46
C GLY B 235 -4.59 10.26 -14.62
N ARG B 236 -4.45 10.18 -13.30
CA ARG B 236 -5.65 10.37 -12.48
C ARG B 236 -6.07 11.84 -12.42
N ALA B 237 -5.11 12.77 -12.39
CA ALA B 237 -5.49 14.18 -12.46
C ALA B 237 -6.31 14.46 -13.71
N LEU B 238 -5.97 13.80 -14.81
CA LEU B 238 -6.69 13.99 -16.06
C LEU B 238 -8.17 13.62 -15.91
N ILE B 239 -8.50 12.71 -14.97
CA ILE B 239 -9.90 12.35 -14.78
C ILE B 239 -10.69 13.58 -14.34
N ASN B 240 -10.25 14.23 -13.26
CA ASN B 240 -10.94 15.39 -12.74
C ASN B 240 -10.81 16.58 -13.68
N THR B 241 -9.81 16.56 -14.56
CA THR B 241 -9.71 17.55 -15.62
C THR B 241 -10.81 17.35 -16.68
N VAL B 242 -11.11 16.10 -17.04
CA VAL B 242 -12.19 15.84 -17.99
C VAL B 242 -13.55 16.18 -17.39
N LEU B 243 -13.78 15.87 -16.11
CA LEU B 243 -15.01 16.34 -15.47
C LEU B 243 -15.15 17.85 -15.57
N ARG B 244 -14.06 18.58 -15.30
CA ARG B 244 -14.11 20.04 -15.29
C ARG B 244 -14.23 20.58 -16.70
N ARG B 245 -13.59 19.93 -17.67
CA ARG B 245 -13.66 20.40 -19.05
C ARG B 245 -15.08 20.32 -19.58
N ARG B 246 -15.81 19.28 -19.17
CA ARG B 246 -17.17 19.06 -19.63
C ARG B 246 -18.20 19.81 -18.79
N GLY B 247 -17.77 20.61 -17.81
CA GLY B 247 -18.67 21.24 -16.89
C GLY B 247 -19.37 20.35 -15.89
N ALA B 248 -19.01 19.05 -15.81
CA ALA B 248 -19.58 18.18 -14.79
C ALA B 248 -19.25 18.67 -13.39
N THR B 249 -18.08 19.26 -13.21
CA THR B 249 -17.79 20.09 -12.05
C THR B 249 -17.43 21.51 -12.50
N THR B 250 -17.50 22.44 -11.56
CA THR B 250 -17.11 23.83 -11.78
C THR B 250 -16.27 24.37 -10.63
N ARG B 251 -16.63 24.02 -9.40
CA ARG B 251 -15.92 24.54 -8.23
C ARG B 251 -15.16 23.48 -7.46
N LEU B 252 -15.38 22.21 -7.75
CA LEU B 252 -14.86 21.17 -6.88
C LEU B 252 -14.28 20.00 -7.66
N VAL B 253 -13.46 19.26 -6.96
CA VAL B 253 -12.90 18.01 -7.40
C VAL B 253 -13.72 16.89 -6.79
N VAL B 254 -13.87 15.80 -7.53
CA VAL B 254 -14.48 14.58 -7.01
C VAL B 254 -13.35 13.65 -6.60
N PRO B 255 -13.21 13.27 -5.30
CA PRO B 255 -11.98 12.59 -4.84
C PRO B 255 -12.03 11.08 -5.04
N LEU B 256 -12.23 10.65 -6.30
CA LEU B 256 -12.48 9.25 -6.57
C LEU B 256 -11.25 8.36 -6.34
N ALA B 257 -10.04 8.93 -6.22
CA ALA B 257 -8.87 8.12 -5.93
C ALA B 257 -8.98 7.40 -4.58
N SER B 258 -9.76 7.97 -3.64
CA SER B 258 -10.02 7.33 -2.34
C SER B 258 -10.84 6.07 -2.50
N ALA B 259 -11.72 6.02 -3.48
CA ALA B 259 -12.41 4.77 -3.73
C ALA B 259 -11.49 3.80 -4.45
N LEU B 260 -10.72 4.31 -5.42
CA LEU B 260 -9.81 3.47 -6.19
C LEU B 260 -8.78 2.82 -5.28
N VAL B 261 -8.17 3.60 -4.36
CA VAL B 261 -7.12 3.07 -3.49
C VAL B 261 -7.62 1.92 -2.63
N ALA B 262 -8.93 1.88 -2.32
CA ALA B 262 -9.48 0.84 -1.46
C ALA B 262 -9.58 -0.50 -2.19
N HIS B 263 -9.56 -0.49 -3.51
CA HIS B 263 -9.60 -1.68 -4.31
C HIS B 263 -8.59 -1.49 -5.42
N ARG B 264 -7.33 -1.49 -5.02
CA ARG B 264 -6.24 -1.12 -5.92
C ARG B 264 -6.07 -2.14 -7.03
N GLU B 265 -6.09 -3.42 -6.70
CA GLU B 265 -5.88 -4.40 -7.78
C GLU B 265 -7.09 -4.47 -8.73
N ARG B 266 -8.33 -4.17 -8.30
CA ARG B 266 -9.39 -4.18 -9.31
C ARG B 266 -9.30 -2.96 -10.21
N TYR B 267 -8.87 -1.83 -9.64
CA TYR B 267 -8.62 -0.67 -10.47
C TYR B 267 -7.60 -1.01 -11.54
N PHE B 268 -6.44 -1.55 -11.13
CA PHE B 268 -5.46 -2.02 -12.10
C PHE B 268 -6.07 -3.04 -13.05
N GLY B 269 -6.86 -3.98 -12.51
CA GLY B 269 -7.47 -5.00 -13.36
C GLY B 269 -8.34 -4.41 -14.46
N ALA B 270 -9.08 -3.35 -14.14
CA ALA B 270 -9.88 -2.65 -15.13
C ALA B 270 -9.01 -2.02 -16.22
N LEU B 271 -7.74 -1.71 -15.91
CA LEU B 271 -6.84 -1.23 -16.94
C LEU B 271 -6.47 -2.35 -17.89
N ASN B 272 -6.14 -3.53 -17.33
CA ASN B 272 -5.85 -4.72 -18.11
C ASN B 272 -7.04 -5.11 -18.97
N THR B 273 -8.23 -5.06 -18.40
CA THR B 273 -9.44 -5.44 -19.12
C THR B 273 -9.75 -4.42 -20.23
N TYR B 274 -9.53 -3.13 -19.98
CA TYR B 274 -9.64 -2.11 -21.05
C TYR B 274 -8.78 -2.48 -22.26
N ARG B 275 -7.50 -2.79 -22.01
CA ARG B 275 -6.58 -3.17 -23.08
C ARG B 275 -7.06 -4.41 -23.82
N ALA B 276 -7.82 -5.27 -23.15
CA ALA B 276 -8.42 -6.43 -23.80
C ALA B 276 -9.69 -6.09 -24.56
N GLY B 277 -10.13 -4.83 -24.58
CA GLY B 277 -11.28 -4.44 -25.35
C GLY B 277 -12.59 -4.57 -24.64
N ASP B 278 -12.57 -4.68 -23.30
CA ASP B 278 -13.79 -4.71 -22.51
C ASP B 278 -13.84 -3.44 -21.66
N LEU B 279 -14.88 -2.64 -21.84
CA LEU B 279 -15.08 -1.37 -21.13
C LEU B 279 -15.81 -1.53 -19.82
N ARG B 280 -16.43 -2.69 -19.59
CA ARG B 280 -17.40 -2.81 -18.51
C ARG B 280 -16.77 -2.73 -17.12
N PRO B 281 -15.67 -3.40 -16.80
CA PRO B 281 -15.10 -3.20 -15.46
C PRO B 281 -14.57 -1.80 -15.26
N LEU B 282 -13.94 -1.21 -16.28
CA LEU B 282 -13.45 0.16 -16.16
C LEU B 282 -14.60 1.13 -15.89
N ILE B 283 -15.68 1.02 -16.65
CA ILE B 283 -16.74 2.02 -16.53
C ILE B 283 -17.51 1.84 -15.23
N VAL B 284 -17.77 0.58 -14.84
CA VAL B 284 -18.47 0.33 -13.58
C VAL B 284 -17.65 0.83 -12.40
N THR B 285 -16.33 0.60 -12.44
CA THR B 285 -15.43 1.06 -11.37
C THR B 285 -15.47 2.59 -11.25
N PHE B 286 -15.44 3.29 -12.38
CA PHE B 286 -15.51 4.74 -12.36
C PHE B 286 -16.87 5.22 -11.87
N ALA B 287 -17.94 4.52 -12.27
CA ALA B 287 -19.27 4.93 -11.84
C ALA B 287 -19.45 4.73 -10.34
N ASN B 288 -18.97 3.60 -9.80
CA ASN B 288 -19.08 3.36 -8.35
C ASN B 288 -18.15 4.27 -7.56
N SER B 289 -16.92 4.49 -8.05
CA SER B 289 -15.98 5.35 -7.34
C SER B 289 -16.45 6.81 -7.28
N SER B 290 -16.88 7.36 -8.42
CA SER B 290 -17.32 8.77 -8.44
C SER B 290 -18.56 8.96 -7.57
N ARG B 291 -19.48 8.01 -7.60
CA ARG B 291 -20.72 8.15 -6.86
C ARG B 291 -20.43 8.12 -5.37
N THR B 292 -19.61 7.17 -4.93
CA THR B 292 -19.26 7.07 -3.52
C THR B 292 -18.41 8.25 -3.06
N ALA B 293 -17.46 8.70 -3.90
CA ALA B 293 -16.63 9.85 -3.51
C ALA B 293 -17.47 11.10 -3.36
N ALA B 294 -18.44 11.29 -4.26
CA ALA B 294 -19.30 12.47 -4.22
C ALA B 294 -20.31 12.36 -3.06
N ALA B 295 -20.85 11.17 -2.83
CA ALA B 295 -21.73 10.98 -1.69
C ALA B 295 -21.05 11.37 -0.40
N GLU B 296 -19.86 10.81 -0.13
CA GLU B 296 -19.19 11.11 1.13
C GLU B 296 -18.69 12.55 1.18
N SER B 297 -18.27 13.10 0.03
CA SER B 297 -17.85 14.50 0.02
C SER B 297 -18.99 15.43 0.41
N ARG B 298 -20.22 15.10 0.04
CA ARG B 298 -21.36 15.92 0.45
C ARG B 298 -21.51 15.93 1.96
N ILE B 299 -21.36 14.76 2.59
CA ILE B 299 -21.35 14.68 4.04
C ILE B 299 -20.20 15.48 4.62
N THR B 300 -19.02 15.42 3.98
CA THR B 300 -17.91 16.25 4.44
C THR B 300 -18.29 17.74 4.38
N ALA B 301 -19.11 18.14 3.41
CA ALA B 301 -19.55 19.53 3.37
C ALA B 301 -20.41 19.84 4.58
N GLU B 302 -21.33 18.93 4.93
CA GLU B 302 -22.13 19.13 6.13
C GLU B 302 -21.26 19.23 7.36
N ARG B 303 -20.27 18.34 7.50
CA ARG B 303 -19.42 18.35 8.68
C ARG B 303 -18.56 19.61 8.74
N LEU B 304 -18.03 20.05 7.60
CA LEU B 304 -17.26 21.31 7.57
C LEU B 304 -18.08 22.49 8.05
N ALA B 305 -19.37 22.54 7.70
CA ALA B 305 -20.19 23.65 8.17
C ALA B 305 -20.43 23.58 9.66
N GLU B 306 -20.48 22.38 10.25
CA GLU B 306 -20.70 22.25 11.68
C GLU B 306 -19.52 22.70 12.53
N ILE B 307 -18.35 22.92 11.94
CA ILE B 307 -17.13 23.04 12.74
C ILE B 307 -17.05 24.38 13.48
N PRO B 308 -17.32 25.55 12.86
CA PRO B 308 -17.24 26.80 13.64
C PRO B 308 -18.07 26.79 14.91
N VAL B 309 -19.28 26.23 14.84
CA VAL B 309 -20.11 26.06 16.04
C VAL B 309 -19.37 25.25 17.09
N GLU B 310 -18.77 24.13 16.68
CA GLU B 310 -17.98 23.36 17.62
C GLU B 310 -16.81 24.16 18.16
N TRP B 311 -16.14 24.94 17.29
CA TRP B 311 -14.97 25.70 17.72
C TRP B 311 -15.33 26.66 18.84
N ARG B 312 -16.47 27.33 18.73
CA ARG B 312 -16.80 28.35 19.71
C ARG B 312 -17.43 27.76 20.97
N ASN B 313 -17.99 26.55 20.88
CA ASN B 313 -18.26 25.81 22.10
C ASN B 313 -16.99 25.59 22.91
N MET B 314 -15.89 25.24 22.25
CA MET B 314 -14.67 24.93 22.98
C MET B 314 -14.05 26.18 23.60
N VAL B 315 -14.00 27.28 22.85
CA VAL B 315 -13.25 28.46 23.30
C VAL B 315 -13.99 29.26 24.37
N GLY B 316 -15.21 28.88 24.68
CA GLY B 316 -16.00 29.64 25.65
C GLY B 316 -16.61 30.85 24.98
N PRO B 317 -16.99 31.94 25.67
CA PRO B 317 -17.60 33.03 24.95
C PRO B 317 -16.84 33.78 23.84
N ILE B 318 -15.68 34.38 24.07
CA ILE B 318 -14.80 34.83 22.94
C ILE B 318 -15.58 35.36 21.73
N ARG B 319 -16.56 36.22 21.90
CA ARG B 319 -17.32 36.60 20.71
C ARG B 319 -17.12 38.12 20.69
N ARG B 320 -15.99 38.63 21.18
CA ARG B 320 -15.65 40.01 20.87
C ARG B 320 -15.30 40.11 19.37
N HIS B 321 -14.88 41.30 18.91
CA HIS B 321 -14.25 41.37 17.59
C HIS B 321 -12.74 41.18 17.65
N SER B 322 -12.22 40.69 18.78
CA SER B 322 -10.79 40.52 18.96
C SER B 322 -10.26 39.49 17.97
N ALA B 323 -8.94 39.36 17.95
CA ALA B 323 -8.28 38.42 17.05
C ALA B 323 -8.97 37.07 17.10
N THR B 324 -9.25 36.58 18.32
CA THR B 324 -9.92 35.29 18.49
C THR B 324 -11.14 35.14 17.60
N ASP B 325 -11.88 36.24 17.38
CA ASP B 325 -13.01 36.18 16.45
C ASP B 325 -12.53 36.19 15.00
N LYS B 326 -11.66 37.14 14.64
CA LYS B 326 -11.12 37.19 13.28
C LYS B 326 -10.38 35.90 12.94
N LEU B 327 -9.64 35.35 13.90
CA LEU B 327 -8.86 34.14 13.68
C LEU B 327 -9.76 32.94 13.34
N LEU B 328 -10.72 32.64 14.23
CA LEU B 328 -11.67 31.57 13.98
C LEU B 328 -12.37 31.73 12.63
N LEU B 329 -12.56 32.97 12.17
CA LEU B 329 -13.17 33.18 10.86
C LEU B 329 -12.27 32.66 9.75
N LEU B 330 -10.95 32.91 9.84
CA LEU B 330 -10.07 32.65 8.71
C LEU B 330 -9.65 31.19 8.62
N LEU B 331 -9.60 30.48 9.76
CA LEU B 331 -9.12 29.10 9.78
C LEU B 331 -9.78 28.19 8.75
N PRO B 332 -11.11 28.24 8.51
CA PRO B 332 -11.68 27.33 7.49
C PRO B 332 -11.01 27.47 6.14
N SER B 333 -10.72 28.70 5.71
CA SER B 333 -9.96 28.91 4.48
C SER B 333 -8.49 28.52 4.65
N THR B 334 -7.91 28.85 5.80
CA THR B 334 -6.47 28.71 6.07
C THR B 334 -6.34 27.84 7.31
N PRO B 335 -6.45 26.51 7.15
CA PRO B 335 -6.37 25.65 8.34
C PRO B 335 -4.96 25.37 8.82
N ILE B 336 -3.93 25.79 8.10
CA ILE B 336 -2.53 25.57 8.47
C ILE B 336 -1.86 26.93 8.40
N VAL B 337 -1.55 27.52 9.57
CA VAL B 337 -1.07 28.90 9.68
C VAL B 337 0.11 28.97 10.64
N SER B 338 1.10 29.80 10.29
CA SER B 338 2.16 30.11 11.23
C SER B 338 1.78 31.32 12.06
N SER B 339 2.54 31.53 13.14
CA SER B 339 2.25 32.65 14.03
C SER B 339 2.32 33.97 13.29
N ASP B 340 3.31 34.13 12.41
CA ASP B 340 3.42 35.33 11.60
C ASP B 340 2.45 35.33 10.41
N ASP B 341 1.95 34.17 9.99
CA ASP B 341 0.94 34.15 8.93
C ASP B 341 -0.35 34.80 9.39
N VAL B 342 -0.82 34.44 10.60
CA VAL B 342 -2.04 35.03 11.14
C VAL B 342 -1.91 36.56 11.14
N ALA B 343 -0.85 37.06 11.77
CA ALA B 343 -0.60 38.50 11.86
C ALA B 343 -0.65 39.14 10.48
N SER B 344 -0.18 38.43 9.45
CA SER B 344 -0.30 38.93 8.08
C SER B 344 -1.75 39.06 7.65
N LEU B 345 -2.55 38.02 7.89
CA LEU B 345 -3.89 37.93 7.33
C LEU B 345 -4.96 38.65 8.16
N ILE B 346 -4.63 39.09 9.37
CA ILE B 346 -5.56 39.92 10.14
C ILE B 346 -4.92 41.28 10.43
N ALA B 348 -6.88 44.83 10.73
CA ALA B 348 -5.60 45.47 11.05
C ALA B 348 -5.12 45.39 12.52
N PRO B 349 -5.12 44.16 13.17
CA PRO B 349 -4.61 44.05 14.55
C PRO B 349 -3.20 43.47 14.66
N ARG B 350 -2.69 43.24 15.87
CA ARG B 350 -1.34 42.62 16.07
C ARG B 350 -1.11 42.40 17.56
N SER B 351 0.06 41.89 17.95
CA SER B 351 0.47 41.80 19.39
C SER B 351 -0.32 40.81 20.26
N SER B 352 -1.65 40.93 20.30
CA SER B 352 -2.60 40.06 21.01
C SER B 352 -2.90 38.83 20.13
N VAL B 353 -2.42 38.84 18.89
CA VAL B 353 -2.59 37.62 18.11
C VAL B 353 -1.94 36.44 18.82
N PHE B 354 -0.77 36.66 19.45
CA PHE B 354 -0.14 35.57 20.19
C PHE B 354 -1.04 35.05 21.31
N ALA B 355 -1.96 35.88 21.81
CA ALA B 355 -2.93 35.41 22.80
C ALA B 355 -4.07 34.65 22.15
N ALA B 356 -4.65 35.18 21.07
CA ALA B 356 -5.69 34.46 20.34
C ALA B 356 -5.17 33.10 19.90
N ILE B 357 -3.91 33.04 19.46
CA ILE B 357 -3.28 31.76 19.13
C ILE B 357 -3.17 30.90 20.38
N LYS B 358 -2.60 31.44 21.46
CA LYS B 358 -2.51 30.70 22.71
C LYS B 358 -3.89 30.29 23.20
N ARG B 359 -4.89 31.15 23.01
CA ARG B 359 -6.24 30.79 23.42
C ARG B 359 -6.73 29.56 22.66
N LEU B 360 -6.62 29.58 21.33
CA LEU B 360 -7.08 28.44 20.56
C LEU B 360 -6.18 27.23 20.75
N HIS B 361 -4.88 27.44 20.99
CA HIS B 361 -4.05 26.30 21.35
C HIS B 361 -4.51 25.69 22.66
N ASP B 362 -4.65 26.52 23.70
CA ASP B 362 -5.07 26.00 25.00
C ASP B 362 -6.45 25.40 24.94
N THR B 363 -7.31 25.89 24.04
CA THR B 363 -8.67 25.40 23.92
C THR B 363 -8.77 24.10 23.12
N GLY B 364 -7.78 23.77 22.31
CA GLY B 364 -7.85 22.57 21.50
C GLY B 364 -8.30 22.81 20.08
N VAL B 365 -8.56 24.07 19.71
CA VAL B 365 -8.89 24.39 18.33
C VAL B 365 -7.65 24.20 17.45
N LEU B 366 -6.51 24.68 17.92
CA LEU B 366 -5.23 24.60 17.23
C LEU B 366 -4.32 23.59 17.92
N ARG B 367 -3.53 22.89 17.12
CA ARG B 367 -2.48 22.03 17.62
C ARG B 367 -1.18 22.36 16.91
N PRO B 368 -0.03 22.21 17.58
CA PRO B 368 1.23 22.58 16.93
C PRO B 368 1.67 21.48 15.98
N LEU B 369 2.04 21.88 14.77
CA LEU B 369 2.60 20.95 13.80
C LEU B 369 4.11 21.00 13.80
N THR B 370 4.59 21.98 14.53
CA THR B 370 6.01 22.36 14.59
C THR B 370 6.47 22.44 16.03
N ASN B 371 7.52 21.69 16.34
CA ASN B 371 8.15 21.71 17.67
C ASN B 371 9.08 22.90 17.60
N ARG B 372 9.01 23.79 18.56
CA ARG B 372 9.83 25.02 18.52
C ARG B 372 9.56 25.70 17.17
N LYS B 373 10.59 25.91 16.35
CA LYS B 373 10.55 26.63 15.03
C LYS B 373 10.38 28.15 15.20
N ARG B 374 10.05 28.63 16.38
CA ARG B 374 9.97 30.08 16.69
C ARG B 374 8.65 30.52 16.06
N ASP B 375 8.44 30.22 14.79
CA ASP B 375 7.58 30.90 13.80
C ASP B 375 6.83 29.58 13.80
N GLN B 376 6.07 29.29 14.86
CA GLN B 376 5.38 28.00 14.98
C GLN B 376 4.24 27.86 13.98
N VAL B 377 4.15 26.70 13.36
CA VAL B 377 3.06 26.41 12.45
C VAL B 377 1.97 25.69 13.22
N TRP B 378 0.71 26.08 12.97
CA TRP B 378 -0.44 25.61 13.72
C TRP B 378 -1.44 24.96 12.80
N GLY B 379 -2.15 23.95 13.30
CA GLY B 379 -3.17 23.30 12.50
C GLY B 379 -4.53 23.20 13.16
N ALA B 380 -5.58 23.58 12.42
CA ALA B 380 -6.96 23.41 12.89
C ALA B 380 -7.28 21.94 12.85
N SER B 381 -7.29 21.31 14.04
CA SER B 381 -7.39 19.85 14.10
C SER B 381 -8.67 19.32 13.44
N LEU B 382 -9.82 19.96 13.71
CA LEU B 382 -11.08 19.46 13.15
C LEU B 382 -11.07 19.45 11.62
N VAL B 383 -10.45 20.46 11.00
CA VAL B 383 -10.31 20.47 9.54
C VAL B 383 -9.36 19.37 9.09
N LEU B 384 -8.22 19.28 9.78
CA LEU B 384 -7.22 18.27 9.43
C LEU B 384 -7.75 16.86 9.61
N ASP B 385 -8.62 16.66 10.59
CA ASP B 385 -9.16 15.33 10.82
C ASP B 385 -10.21 14.98 9.78
N GLU B 386 -10.91 15.99 9.26
CA GLU B 386 -11.93 15.77 8.24
C GLU B 386 -11.31 15.31 6.94
N LEU B 387 -10.17 15.90 6.56
CA LEU B 387 -9.37 15.38 5.45
C LEU B 387 -9.20 13.86 5.54
N ASP B 388 -8.78 13.37 6.70
CA ASP B 388 -8.44 11.97 6.80
C ASP B 388 -9.69 11.11 6.99
N ASP B 389 -10.71 11.67 7.63
CA ASP B 389 -11.95 10.91 7.83
C ASP B 389 -12.68 10.68 6.51
N LEU B 390 -12.69 11.69 5.63
CA LEU B 390 -13.32 11.54 4.33
C LEU B 390 -12.74 10.34 3.58
N GLY B 391 -11.41 10.23 3.52
CA GLY B 391 -10.80 9.11 2.83
C GLY B 391 -11.17 7.77 3.45
N HIS B 392 -11.29 7.72 4.77
CA HIS B 392 -11.67 6.48 5.42
C HIS B 392 -13.13 6.13 5.13
N ARG B 393 -14.00 7.15 5.07
CA ARG B 393 -15.39 6.91 4.75
C ARG B 393 -15.57 6.44 3.32
N ILE B 394 -14.83 7.03 2.39
CA ILE B 394 -14.91 6.55 1.02
C ILE B 394 -14.37 5.13 0.91
N GLU B 395 -13.28 4.82 1.64
CA GLU B 395 -12.72 3.45 1.59
C GLU B 395 -13.68 2.43 2.21
N ARG B 396 -14.47 2.83 3.21
CA ARG B 396 -15.49 1.93 3.73
C ARG B 396 -16.55 1.63 2.70
N ALA B 397 -17.10 2.67 2.07
CA ALA B 397 -18.25 2.54 1.18
C ALA B 397 -17.86 1.90 -0.14
N SER B 398 -16.59 1.57 -0.32
CA SER B 398 -16.13 0.65 -1.35
C SER B 398 -16.03 -0.74 -0.72
N ALA B 399 -17.05 -1.58 -0.93
CA ALA B 399 -17.12 -2.92 -0.35
C ALA B 399 -17.31 -4.02 -1.40
#